data_1H65
#
_entry.id   1H65
#
_cell.length_a   143.160
_cell.length_b   78.673
_cell.length_c   67.279
_cell.angle_alpha   90.00
_cell.angle_beta   91.44
_cell.angle_gamma   90.00
#
_symmetry.space_group_name_H-M   'C 1 2 1'
#
loop_
_entity.id
_entity.type
_entity.pdbx_description
1 polymer 'CHLOROPLAST OUTER ENVELOPE PROTEIN OEP34'
2 non-polymer "GUANOSINE-5'-DIPHOSPHATE"
3 non-polymer 'MAGNESIUM ION'
4 water water
#
_entity_poly.entity_id   1
_entity_poly.type   'polypeptide(L)'
_entity_poly.pdbx_seq_one_letter_code
;(MSE)ASQQQTVREWSGINTFAPATQTKLLELLGNLKQEDVNSLTILV(MSE)GKGGVGKSSTVNSIIGERVVSISPFQS
EGPRPV(MSE)VSRSRAGFTLNIIDTPGLIEGGYIND(MSE)ALNIIKSFLLDKTIDVLLYVDRLDAYRVDNLDKLVAKA
ITDSFGKGIWNKAIVALTHAQFSPPDGLPYDEFFSKRSEALLQVVRSGASLKKDAQASDIPVVLIENSGRCNKNDSDEKV
LPNGIAWIPHLVQTITEVALNKSESIFVDKNLIDKLAAADHHHHHH
;
_entity_poly.pdbx_strand_id   A,B,C
#
loop_
_chem_comp.id
_chem_comp.type
_chem_comp.name
_chem_comp.formula
GDP RNA linking GUANOSINE-5'-DIPHOSPHATE 'C10 H15 N5 O11 P2'
MG non-polymer 'MAGNESIUM ION' 'Mg 2'
#
# COMPACT_ATOMS: atom_id res chain seq x y z
N VAL A 8 -11.58 -25.45 -14.76
CA VAL A 8 -11.90 -26.87 -14.44
C VAL A 8 -12.92 -27.45 -15.41
N ARG A 9 -13.62 -26.56 -16.10
CA ARG A 9 -14.63 -26.98 -17.06
C ARG A 9 -13.97 -27.47 -18.35
N GLU A 10 -14.55 -28.53 -18.92
CA GLU A 10 -14.03 -29.14 -20.15
C GLU A 10 -14.07 -28.14 -21.31
N TRP A 11 -13.03 -28.17 -22.13
CA TRP A 11 -12.98 -27.27 -23.28
C TRP A 11 -13.82 -27.87 -24.40
N SER A 12 -15.11 -28.06 -24.14
CA SER A 12 -16.00 -28.64 -25.14
C SER A 12 -16.05 -27.81 -26.41
N GLY A 13 -15.72 -26.53 -26.28
CA GLY A 13 -15.73 -25.66 -27.43
C GLY A 13 -14.84 -26.09 -28.59
N ILE A 14 -13.90 -26.98 -28.33
CA ILE A 14 -13.01 -27.46 -29.37
C ILE A 14 -13.82 -28.27 -30.38
N ASN A 15 -14.93 -28.84 -29.91
CA ASN A 15 -15.80 -29.65 -30.75
C ASN A 15 -16.51 -28.79 -31.81
N THR A 16 -16.30 -27.48 -31.75
CA THR A 16 -16.92 -26.57 -32.72
C THR A 16 -15.95 -26.28 -33.85
N PHE A 17 -14.69 -26.67 -33.66
CA PHE A 17 -13.66 -26.45 -34.68
C PHE A 17 -13.66 -27.61 -35.65
N ALA A 18 -13.21 -27.35 -36.88
CA ALA A 18 -13.16 -28.39 -37.89
C ALA A 18 -12.18 -29.45 -37.40
N PRO A 19 -12.53 -30.73 -37.59
CA PRO A 19 -11.68 -31.85 -37.16
C PRO A 19 -10.18 -31.64 -37.40
N ALA A 20 -9.83 -31.19 -38.60
CA ALA A 20 -8.42 -30.96 -38.94
C ALA A 20 -7.78 -29.98 -37.96
N THR A 21 -8.54 -28.94 -37.59
CA THR A 21 -8.06 -27.93 -36.67
C THR A 21 -7.90 -28.50 -35.26
N GLN A 22 -8.88 -29.30 -34.84
CA GLN A 22 -8.83 -29.92 -33.51
C GLN A 22 -7.55 -30.72 -33.33
N THR A 23 -7.21 -31.52 -34.33
CA THR A 23 -6.00 -32.34 -34.26
C THR A 23 -4.75 -31.48 -34.14
N LYS A 24 -4.72 -30.35 -34.83
CA LYS A 24 -3.57 -29.47 -34.78
C LYS A 24 -3.46 -28.89 -33.37
N LEU A 25 -4.57 -28.40 -32.86
CA LEU A 25 -4.63 -27.81 -31.55
C LEU A 25 -4.26 -28.82 -30.45
N LEU A 26 -4.81 -30.02 -30.52
CA LEU A 26 -4.52 -31.05 -29.52
C LEU A 26 -3.03 -31.39 -29.54
N GLU A 27 -2.43 -31.32 -30.73
CA GLU A 27 -1.00 -31.61 -30.89
C GLU A 27 -0.18 -30.51 -30.22
N LEU A 28 -0.67 -29.29 -30.31
CA LEU A 28 0.05 -28.17 -29.71
C LEU A 28 -0.06 -28.25 -28.20
N LEU A 29 -1.21 -28.69 -27.70
CA LEU A 29 -1.36 -28.80 -26.24
C LEU A 29 -0.45 -29.92 -25.76
N GLY A 30 -0.23 -30.91 -26.61
CA GLY A 30 0.63 -32.02 -26.26
C GLY A 30 2.07 -31.56 -26.10
N ASN A 31 2.50 -30.70 -27.00
CA ASN A 31 3.86 -30.16 -26.96
C ASN A 31 4.08 -29.38 -25.67
N LEU A 32 3.02 -28.71 -25.20
CA LEU A 32 3.10 -27.94 -23.98
C LEU A 32 3.29 -28.88 -22.79
N LYS A 33 2.37 -29.82 -22.61
CA LYS A 33 2.50 -30.76 -21.48
C LYS A 33 3.82 -31.53 -21.58
N GLN A 34 4.33 -31.66 -22.81
CA GLN A 34 5.59 -32.35 -23.05
C GLN A 34 6.70 -31.53 -22.36
N GLU A 35 6.54 -30.20 -22.42
CA GLU A 35 7.50 -29.29 -21.81
C GLU A 35 7.10 -28.95 -20.38
N ASP A 36 6.26 -29.79 -19.79
CA ASP A 36 5.82 -29.57 -18.41
C ASP A 36 4.99 -28.28 -18.27
N VAL A 37 4.37 -27.82 -19.35
CA VAL A 37 3.55 -26.62 -19.29
C VAL A 37 2.11 -27.11 -19.22
N ASN A 38 1.57 -27.17 -18.00
CA ASN A 38 0.22 -27.70 -17.81
C ASN A 38 -0.92 -26.71 -17.92
N SER A 39 -0.60 -25.43 -17.84
CA SER A 39 -1.62 -24.40 -17.93
C SER A 39 -0.96 -23.23 -18.61
N LEU A 40 -1.78 -22.29 -19.06
CA LEU A 40 -1.28 -21.10 -19.74
C LEU A 40 -2.30 -19.99 -19.55
N THR A 41 -1.82 -18.81 -19.18
CA THR A 41 -2.70 -17.67 -19.00
C THR A 41 -2.44 -16.63 -20.08
N ILE A 42 -3.47 -16.35 -20.87
CA ILE A 42 -3.39 -15.37 -21.95
C ILE A 42 -4.17 -14.12 -21.55
N LEU A 43 -3.52 -12.98 -21.65
CA LEU A 43 -4.13 -11.71 -21.31
C LEU A 43 -4.43 -10.95 -22.60
N VAL A 44 -5.71 -10.67 -22.83
CA VAL A 44 -6.16 -9.99 -24.01
C VAL A 44 -6.40 -8.52 -23.69
N MSE A 45 -5.68 -7.66 -24.39
CA MSE A 45 -5.77 -6.22 -24.16
C MSE A 45 -5.70 -5.42 -25.47
O MSE A 45 -5.26 -5.94 -26.50
CB MSE A 45 -4.63 -5.78 -23.22
CG MSE A 45 -4.86 -6.16 -21.75
SE MSE A 45 -3.48 -5.53 -20.63
CE MSE A 45 -4.10 -3.73 -20.38
N GLY A 46 -6.12 -4.17 -25.39
CA GLY A 46 -6.12 -3.28 -26.54
C GLY A 46 -7.19 -2.20 -26.36
N LYS A 47 -7.48 -1.45 -27.42
CA LYS A 47 -8.48 -0.40 -27.35
C LYS A 47 -9.87 -1.04 -27.33
N GLY A 48 -10.91 -0.22 -27.32
CA GLY A 48 -12.26 -0.74 -27.30
C GLY A 48 -12.83 -0.90 -28.70
N GLY A 49 -13.68 -1.91 -28.87
CA GLY A 49 -14.29 -2.15 -30.17
C GLY A 49 -13.40 -2.74 -31.26
N VAL A 50 -12.32 -3.41 -30.90
CA VAL A 50 -11.43 -4.00 -31.92
C VAL A 50 -11.64 -5.51 -32.07
N GLY A 51 -12.51 -6.08 -31.22
CA GLY A 51 -12.82 -7.49 -31.27
C GLY A 51 -12.06 -8.35 -30.28
N LYS A 52 -11.77 -7.80 -29.10
CA LYS A 52 -11.05 -8.56 -28.08
C LYS A 52 -11.89 -9.70 -27.53
N SER A 53 -13.09 -9.38 -27.08
CA SER A 53 -13.95 -10.40 -26.52
C SER A 53 -14.45 -11.35 -27.60
N SER A 54 -14.58 -10.87 -28.85
CA SER A 54 -15.00 -11.79 -29.92
C SER A 54 -13.88 -12.81 -30.14
N THR A 55 -12.64 -12.39 -29.98
CA THR A 55 -11.50 -13.30 -30.17
C THR A 55 -11.53 -14.35 -29.08
N VAL A 56 -11.89 -13.94 -27.87
CA VAL A 56 -11.99 -14.84 -26.73
C VAL A 56 -13.04 -15.91 -26.99
N ASN A 57 -14.19 -15.52 -27.55
CA ASN A 57 -15.24 -16.51 -27.84
C ASN A 57 -14.78 -17.49 -28.92
N SER A 58 -14.12 -16.99 -29.95
CA SER A 58 -13.64 -17.85 -31.02
C SER A 58 -12.66 -18.88 -30.47
N ILE A 59 -11.74 -18.45 -29.61
CA ILE A 59 -10.73 -19.36 -29.04
C ILE A 59 -11.35 -20.42 -28.12
N ILE A 60 -12.28 -20.00 -27.28
CA ILE A 60 -12.94 -20.92 -26.36
C ILE A 60 -13.95 -21.77 -27.13
N GLY A 61 -14.52 -21.18 -28.17
CA GLY A 61 -15.49 -21.90 -28.97
C GLY A 61 -16.91 -21.79 -28.45
N GLU A 62 -17.20 -20.70 -27.76
CA GLU A 62 -18.54 -20.48 -27.23
C GLU A 62 -18.69 -19.07 -26.71
N ARG A 63 -19.92 -18.57 -26.72
CA ARG A 63 -20.22 -17.21 -26.27
C ARG A 63 -20.04 -17.04 -24.77
N VAL A 64 -18.78 -17.10 -24.32
CA VAL A 64 -18.45 -16.97 -22.91
C VAL A 64 -18.35 -15.52 -22.43
N VAL A 65 -18.07 -14.59 -23.33
CA VAL A 65 -17.98 -13.18 -22.96
C VAL A 65 -18.91 -12.29 -23.78
N SER A 66 -19.24 -11.13 -23.23
CA SER A 66 -20.13 -10.19 -23.89
C SER A 66 -19.49 -9.41 -25.03
N ILE A 67 -20.23 -9.22 -26.12
CA ILE A 67 -19.76 -8.46 -27.26
C ILE A 67 -20.83 -7.45 -27.67
N SER A 68 -20.46 -6.18 -27.78
CA SER A 68 -21.44 -5.18 -28.18
C SER A 68 -20.94 -4.27 -29.30
N PRO A 69 -21.71 -4.19 -30.39
CA PRO A 69 -21.36 -3.34 -31.53
C PRO A 69 -21.75 -1.87 -31.33
N PHE A 70 -22.36 -1.57 -30.18
CA PHE A 70 -22.79 -0.20 -29.86
C PHE A 70 -22.39 0.20 -28.46
N GLN A 71 -23.05 -0.41 -27.49
CA GLN A 71 -22.78 -0.13 -26.08
C GLN A 71 -21.30 -0.37 -25.79
N SER A 72 -20.78 0.32 -24.78
CA SER A 72 -19.38 0.20 -24.38
C SER A 72 -19.20 -1.04 -23.53
N GLU A 73 -17.98 -1.56 -23.51
CA GLU A 73 -17.66 -2.77 -22.76
C GLU A 73 -17.92 -2.62 -21.28
N GLY A 74 -17.99 -3.76 -20.59
CA GLY A 74 -18.21 -3.72 -19.16
C GLY A 74 -16.90 -3.28 -18.52
N PRO A 75 -16.92 -2.89 -17.24
CA PRO A 75 -15.69 -2.46 -16.59
C PRO A 75 -14.88 -3.59 -15.96
N ARG A 76 -15.55 -4.69 -15.62
CA ARG A 76 -14.85 -5.80 -14.98
C ARG A 76 -14.21 -6.79 -15.94
N PRO A 77 -12.93 -7.14 -15.72
CA PRO A 77 -12.19 -8.09 -16.55
C PRO A 77 -12.78 -9.47 -16.28
N VAL A 78 -12.65 -10.40 -17.22
CA VAL A 78 -13.20 -11.74 -17.01
C VAL A 78 -12.23 -12.80 -17.46
N MSE A 79 -12.00 -13.80 -16.62
CA MSE A 79 -11.11 -14.89 -17.00
C MSE A 79 -11.91 -16.14 -17.26
O MSE A 79 -12.68 -16.59 -16.41
CB MSE A 79 -10.07 -15.14 -15.89
CG MSE A 79 -9.15 -16.34 -16.17
SE MSE A 79 -7.69 -16.50 -14.91
CE MSE A 79 -8.53 -17.51 -13.50
N VAL A 80 -11.76 -16.70 -18.46
CA VAL A 80 -12.45 -17.93 -18.84
C VAL A 80 -11.43 -19.05 -18.77
N SER A 81 -11.78 -20.15 -18.11
CA SER A 81 -10.86 -21.27 -17.98
C SER A 81 -11.53 -22.57 -18.45
N ARG A 82 -10.79 -23.34 -19.25
CA ARG A 82 -11.27 -24.61 -19.78
C ARG A 82 -10.11 -25.59 -19.79
N SER A 83 -10.40 -26.89 -19.78
CA SER A 83 -9.34 -27.90 -19.77
C SER A 83 -9.56 -28.99 -20.81
N ARG A 84 -8.47 -29.58 -21.27
CA ARG A 84 -8.50 -30.64 -22.28
C ARG A 84 -7.18 -31.44 -22.24
N ALA A 85 -7.28 -32.74 -22.04
CA ALA A 85 -6.12 -33.62 -22.00
C ALA A 85 -5.06 -33.23 -20.97
N GLY A 86 -5.51 -32.73 -19.82
CA GLY A 86 -4.59 -32.36 -18.76
C GLY A 86 -4.03 -30.97 -18.82
N PHE A 87 -4.40 -30.24 -19.86
CA PHE A 87 -3.93 -28.87 -20.04
C PHE A 87 -5.07 -27.92 -19.74
N THR A 88 -4.75 -26.79 -19.13
CA THR A 88 -5.79 -25.82 -18.79
C THR A 88 -5.51 -24.46 -19.43
N LEU A 89 -6.45 -23.99 -20.24
CA LEU A 89 -6.30 -22.69 -20.88
C LEU A 89 -7.03 -21.63 -20.07
N ASN A 90 -6.33 -20.56 -19.70
CA ASN A 90 -6.96 -19.46 -18.98
C ASN A 90 -6.80 -18.25 -19.86
N ILE A 91 -7.92 -17.59 -20.17
CA ILE A 91 -7.88 -16.39 -21.00
C ILE A 91 -8.62 -15.30 -20.26
N ILE A 92 -7.98 -14.15 -20.19
CA ILE A 92 -8.50 -13.00 -19.50
C ILE A 92 -8.90 -11.92 -20.49
N ASP A 93 -10.20 -11.65 -20.53
CA ASP A 93 -10.72 -10.65 -21.41
C ASP A 93 -10.74 -9.38 -20.57
N THR A 94 -10.48 -8.24 -21.20
CA THR A 94 -10.44 -6.96 -20.50
C THR A 94 -11.09 -5.81 -21.27
N PRO A 95 -11.47 -4.73 -20.57
CA PRO A 95 -12.11 -3.57 -21.21
C PRO A 95 -11.04 -2.71 -21.89
N GLY A 96 -11.43 -2.00 -22.96
CA GLY A 96 -10.49 -1.15 -23.66
C GLY A 96 -9.80 -0.19 -22.71
N LEU A 97 -8.56 0.17 -23.02
CA LEU A 97 -7.77 1.06 -22.17
C LEU A 97 -7.83 2.54 -22.55
N ILE A 98 -8.43 2.84 -23.69
CA ILE A 98 -8.53 4.22 -24.16
C ILE A 98 -9.97 4.71 -24.17
N GLU A 99 -10.14 5.99 -23.94
CA GLU A 99 -11.47 6.59 -23.94
C GLU A 99 -11.35 8.11 -23.92
N GLY A 100 -12.02 8.77 -24.85
CA GLY A 100 -11.98 10.21 -24.90
C GLY A 100 -10.62 10.78 -25.29
N GLY A 101 -9.69 9.89 -25.64
CA GLY A 101 -8.37 10.32 -26.03
C GLY A 101 -7.30 10.07 -24.97
N TYR A 102 -7.71 9.60 -23.81
CA TYR A 102 -6.75 9.33 -22.74
C TYR A 102 -6.87 7.89 -22.26
N ILE A 103 -5.87 7.46 -21.48
CA ILE A 103 -5.84 6.12 -20.93
C ILE A 103 -6.87 6.04 -19.81
N ASN A 104 -7.80 5.10 -19.92
CA ASN A 104 -8.82 4.95 -18.88
C ASN A 104 -8.15 4.36 -17.64
N ASP A 105 -7.76 5.22 -16.70
CA ASP A 105 -7.10 4.79 -15.48
C ASP A 105 -7.91 3.85 -14.61
N MSE A 106 -9.23 3.95 -14.69
CA MSE A 106 -10.07 3.06 -13.89
C MSE A 106 -10.02 1.65 -14.48
O MSE A 106 -9.90 0.67 -13.75
CB MSE A 106 -11.53 3.54 -13.86
CG MSE A 106 -11.77 4.79 -13.04
SE MSE A 106 -13.67 5.03 -12.72
CE MSE A 106 -14.16 5.71 -14.44
N ALA A 107 -10.11 1.54 -15.80
CA ALA A 107 -10.06 0.23 -16.41
C ALA A 107 -8.67 -0.37 -16.29
N LEU A 108 -7.65 0.46 -16.42
CA LEU A 108 -6.27 -0.01 -16.33
C LEU A 108 -5.95 -0.59 -14.96
N ASN A 109 -6.37 0.12 -13.92
CA ASN A 109 -6.09 -0.33 -12.56
C ASN A 109 -6.95 -1.50 -12.12
N ILE A 110 -8.16 -1.60 -12.64
CA ILE A 110 -9.02 -2.72 -12.27
C ILE A 110 -8.43 -3.98 -12.88
N ILE A 111 -7.82 -3.84 -14.05
CA ILE A 111 -7.17 -4.96 -14.70
C ILE A 111 -5.97 -5.37 -13.83
N LYS A 112 -5.20 -4.37 -13.39
CA LYS A 112 -4.03 -4.64 -12.54
C LYS A 112 -4.42 -5.43 -11.27
N SER A 113 -5.55 -5.07 -10.67
CA SER A 113 -6.02 -5.72 -9.47
C SER A 113 -6.40 -7.15 -9.79
N PHE A 114 -6.99 -7.34 -10.95
CA PHE A 114 -7.42 -8.66 -11.38
C PHE A 114 -6.24 -9.60 -11.60
N LEU A 115 -5.14 -9.06 -12.12
CA LEU A 115 -3.94 -9.85 -12.40
C LEU A 115 -3.07 -10.07 -11.15
N LEU A 116 -3.45 -9.43 -10.06
CA LEU A 116 -2.72 -9.55 -8.81
C LEU A 116 -2.60 -11.02 -8.47
N ASP A 117 -1.35 -11.49 -8.33
CA ASP A 117 -1.04 -12.86 -8.01
C ASP A 117 -1.21 -13.83 -9.19
N LYS A 118 -1.35 -13.30 -10.40
CA LYS A 118 -1.49 -14.14 -11.58
C LYS A 118 -0.23 -14.07 -12.43
N THR A 119 -0.07 -15.05 -13.31
CA THR A 119 1.08 -15.11 -14.18
C THR A 119 0.65 -14.93 -15.63
N ILE A 120 1.23 -13.92 -16.29
CA ILE A 120 0.93 -13.65 -17.69
C ILE A 120 1.93 -14.43 -18.54
N ASP A 121 1.42 -15.42 -19.28
CA ASP A 121 2.26 -16.26 -20.13
C ASP A 121 2.28 -15.73 -21.55
N VAL A 122 1.14 -15.20 -22.00
CA VAL A 122 1.02 -14.65 -23.35
C VAL A 122 0.22 -13.37 -23.32
N LEU A 123 0.70 -12.35 -24.03
CA LEU A 123 -0.02 -11.10 -24.13
C LEU A 123 -0.55 -11.07 -25.54
N LEU A 124 -1.86 -10.91 -25.67
CA LEU A 124 -2.50 -10.85 -26.98
C LEU A 124 -2.97 -9.39 -27.15
N TYR A 125 -2.22 -8.63 -27.95
CA TYR A 125 -2.54 -7.22 -28.22
C TYR A 125 -3.48 -7.22 -29.43
N VAL A 126 -4.71 -6.74 -29.25
CA VAL A 126 -5.66 -6.77 -30.35
C VAL A 126 -6.03 -5.46 -31.02
N ASP A 127 -6.12 -5.51 -32.34
CA ASP A 127 -6.48 -4.34 -33.11
C ASP A 127 -7.14 -4.81 -34.39
N ARG A 128 -7.66 -3.88 -35.18
CA ARG A 128 -8.34 -4.23 -36.42
C ARG A 128 -7.44 -4.17 -37.64
N LEU A 129 -7.62 -5.11 -38.56
CA LEU A 129 -6.83 -5.14 -39.77
C LEU A 129 -7.28 -3.97 -40.63
N ASP A 130 -8.59 -3.89 -40.84
CA ASP A 130 -9.20 -2.86 -41.66
C ASP A 130 -9.26 -1.46 -41.04
N ALA A 131 -8.09 -0.95 -40.65
CA ALA A 131 -7.96 0.40 -40.09
C ALA A 131 -6.88 1.00 -40.99
N TYR A 132 -6.90 2.31 -41.18
CA TYR A 132 -5.94 2.95 -42.07
C TYR A 132 -5.06 4.00 -41.46
N ARG A 133 -5.21 4.24 -40.17
CA ARG A 133 -4.42 5.25 -39.48
C ARG A 133 -3.91 4.73 -38.14
N VAL A 134 -2.78 5.29 -37.72
CA VAL A 134 -2.18 4.93 -36.45
C VAL A 134 -1.57 6.19 -35.86
N ASP A 135 -1.83 6.45 -34.58
CA ASP A 135 -1.30 7.64 -33.92
C ASP A 135 -0.88 7.38 -32.48
N ASN A 136 -0.66 8.47 -31.73
CA ASN A 136 -0.23 8.39 -30.34
C ASN A 136 -1.17 7.57 -29.44
N LEU A 137 -2.44 7.47 -29.85
CA LEU A 137 -3.42 6.71 -29.11
C LEU A 137 -2.99 5.25 -28.99
N ASP A 138 -2.48 4.69 -30.09
CA ASP A 138 -2.02 3.32 -30.11
C ASP A 138 -0.74 3.23 -29.28
N LYS A 139 0.04 4.30 -29.32
CA LYS A 139 1.30 4.38 -28.58
C LYS A 139 1.06 4.42 -27.06
N LEU A 140 0.00 5.10 -26.66
CA LEU A 140 -0.35 5.22 -25.24
C LEU A 140 -0.85 3.90 -24.65
N VAL A 141 -1.42 3.07 -25.49
CA VAL A 141 -1.91 1.79 -25.03
C VAL A 141 -0.71 0.90 -24.75
N ALA A 142 0.22 0.88 -25.70
CA ALA A 142 1.44 0.10 -25.58
C ALA A 142 2.24 0.59 -24.39
N LYS A 143 2.30 1.90 -24.21
CA LYS A 143 3.03 2.49 -23.08
C LYS A 143 2.37 2.08 -21.77
N ALA A 144 1.05 2.15 -21.73
CA ALA A 144 0.30 1.81 -20.54
C ALA A 144 0.58 0.37 -20.13
N ILE A 145 0.67 -0.50 -21.12
CA ILE A 145 0.94 -1.91 -20.85
C ILE A 145 2.33 -2.07 -20.25
N THR A 146 3.31 -1.40 -20.85
CA THR A 146 4.69 -1.45 -20.36
C THR A 146 4.81 -0.92 -18.93
N ASP A 147 4.17 0.22 -18.68
CA ASP A 147 4.20 0.87 -17.37
C ASP A 147 3.52 0.07 -16.28
N SER A 148 2.60 -0.81 -16.67
CA SER A 148 1.86 -1.61 -15.71
C SER A 148 2.48 -2.95 -15.42
N PHE A 149 3.19 -3.49 -16.41
CA PHE A 149 3.77 -4.83 -16.25
C PHE A 149 5.25 -4.99 -16.58
N GLY A 150 5.86 -4.00 -17.22
CA GLY A 150 7.27 -4.13 -17.55
C GLY A 150 7.48 -4.49 -19.01
N LYS A 151 8.53 -3.94 -19.61
CA LYS A 151 8.84 -4.19 -21.00
C LYS A 151 9.01 -5.67 -21.29
N GLY A 152 9.25 -6.45 -20.24
CA GLY A 152 9.43 -7.89 -20.41
C GLY A 152 8.20 -8.61 -20.96
N ILE A 153 7.02 -8.02 -20.75
CA ILE A 153 5.78 -8.64 -21.21
C ILE A 153 5.77 -8.76 -22.73
N TRP A 154 6.51 -7.88 -23.39
CA TRP A 154 6.55 -7.93 -24.84
C TRP A 154 7.24 -9.18 -25.38
N ASN A 155 8.08 -9.81 -24.58
CA ASN A 155 8.73 -11.04 -25.04
C ASN A 155 7.66 -12.11 -25.20
N LYS A 156 6.53 -11.92 -24.53
CA LYS A 156 5.42 -12.86 -24.60
C LYS A 156 4.25 -12.29 -25.38
N ALA A 157 4.49 -11.23 -26.14
CA ALA A 157 3.39 -10.61 -26.87
C ALA A 157 3.17 -11.10 -28.29
N ILE A 158 1.92 -10.99 -28.71
CA ILE A 158 1.49 -11.34 -30.07
C ILE A 158 0.49 -10.26 -30.42
N VAL A 159 0.59 -9.72 -31.63
CA VAL A 159 -0.36 -8.74 -32.06
C VAL A 159 -1.35 -9.48 -32.94
N ALA A 160 -2.63 -9.31 -32.64
CA ALA A 160 -3.68 -9.96 -33.40
C ALA A 160 -4.57 -8.94 -34.08
N LEU A 161 -4.71 -9.07 -35.39
CA LEU A 161 -5.54 -8.18 -36.20
C LEU A 161 -6.83 -8.89 -36.63
N THR A 162 -7.95 -8.34 -36.20
CA THR A 162 -9.27 -8.90 -36.49
C THR A 162 -9.85 -8.41 -37.80
N HIS A 163 -10.99 -8.97 -38.21
CA HIS A 163 -11.64 -8.57 -39.45
C HIS A 163 -10.74 -8.95 -40.62
N ALA A 164 -9.96 -10.01 -40.47
CA ALA A 164 -9.02 -10.44 -41.50
C ALA A 164 -9.67 -10.83 -42.84
N GLN A 165 -10.95 -11.16 -42.82
CA GLN A 165 -11.68 -11.50 -44.04
C GLN A 165 -11.95 -10.14 -44.67
N PHE A 166 -10.88 -9.52 -45.16
CA PHE A 166 -10.92 -8.19 -45.75
C PHE A 166 -10.45 -8.15 -47.19
N SER A 167 -11.08 -7.28 -47.97
CA SER A 167 -10.74 -7.10 -49.38
C SER A 167 -10.19 -5.67 -49.45
N PRO A 168 -8.86 -5.53 -49.59
CA PRO A 168 -8.24 -4.21 -49.66
C PRO A 168 -8.73 -3.34 -50.81
N PRO A 169 -8.97 -2.05 -50.54
CA PRO A 169 -9.45 -1.11 -51.57
C PRO A 169 -8.39 -0.85 -52.63
N ASP A 170 -8.80 -0.21 -53.71
CA ASP A 170 -7.90 0.11 -54.82
C ASP A 170 -7.23 -1.14 -55.39
N GLY A 171 -7.86 -2.30 -55.18
CA GLY A 171 -7.30 -3.54 -55.70
C GLY A 171 -5.90 -3.83 -55.18
N LEU A 172 -5.59 -3.30 -54.01
CA LEU A 172 -4.29 -3.51 -53.39
C LEU A 172 -4.19 -4.96 -52.90
N PRO A 173 -3.06 -5.64 -53.19
CA PRO A 173 -2.88 -7.04 -52.76
C PRO A 173 -3.05 -7.24 -51.26
N TYR A 174 -3.87 -8.21 -50.88
CA TYR A 174 -4.11 -8.52 -49.46
C TYR A 174 -2.79 -8.54 -48.69
N ASP A 175 -1.81 -9.28 -49.21
CA ASP A 175 -0.51 -9.40 -48.57
C ASP A 175 0.18 -8.07 -48.35
N GLU A 176 0.00 -7.16 -49.30
CA GLU A 176 0.62 -5.85 -49.21
C GLU A 176 -0.09 -5.01 -48.15
N PHE A 177 -1.42 -5.05 -48.12
CA PHE A 177 -2.15 -4.29 -47.12
C PHE A 177 -1.74 -4.77 -45.72
N PHE A 178 -1.73 -6.08 -45.55
CA PHE A 178 -1.36 -6.68 -44.27
C PHE A 178 0.05 -6.24 -43.84
N SER A 179 0.99 -6.22 -44.79
CA SER A 179 2.35 -5.82 -44.51
C SER A 179 2.45 -4.37 -44.03
N LYS A 180 1.85 -3.45 -44.80
CA LYS A 180 1.86 -2.04 -44.46
C LYS A 180 1.20 -1.81 -43.11
N ARG A 181 0.02 -2.38 -42.93
CA ARG A 181 -0.74 -2.25 -41.70
C ARG A 181 0.08 -2.74 -40.49
N SER A 182 0.64 -3.94 -40.58
CA SER A 182 1.43 -4.48 -39.47
C SER A 182 2.62 -3.61 -39.12
N GLU A 183 3.37 -3.19 -40.14
CA GLU A 183 4.54 -2.34 -39.92
C GLU A 183 4.17 -1.03 -39.26
N ALA A 184 3.07 -0.42 -39.70
CA ALA A 184 2.62 0.84 -39.14
C ALA A 184 2.25 0.66 -37.67
N LEU A 185 1.59 -0.45 -37.34
CA LEU A 185 1.18 -0.68 -35.96
C LEU A 185 2.34 -1.09 -35.07
N LEU A 186 3.23 -1.96 -35.56
CA LEU A 186 4.39 -2.38 -34.76
C LEU A 186 5.25 -1.18 -34.42
N GLN A 187 5.32 -0.23 -35.36
CA GLN A 187 6.12 0.96 -35.13
C GLN A 187 5.67 1.69 -33.87
N VAL A 188 4.39 2.09 -33.83
CA VAL A 188 3.89 2.81 -32.66
C VAL A 188 3.93 1.98 -31.38
N VAL A 189 3.67 0.68 -31.49
CA VAL A 189 3.71 -0.18 -30.31
C VAL A 189 5.15 -0.20 -29.77
N ARG A 190 6.11 -0.46 -30.66
CA ARG A 190 7.51 -0.51 -30.27
C ARG A 190 7.96 0.81 -29.65
N SER A 191 7.41 1.91 -30.16
CA SER A 191 7.75 3.23 -29.64
C SER A 191 7.12 3.42 -28.28
N GLY A 192 5.84 3.07 -28.19
CA GLY A 192 5.12 3.20 -26.94
C GLY A 192 5.78 2.39 -25.84
N ALA A 193 6.25 1.19 -26.18
CA ALA A 193 6.89 0.31 -25.21
C ALA A 193 8.37 0.61 -25.02
N SER A 194 8.88 1.62 -25.73
CA SER A 194 10.30 1.98 -25.62
C SER A 194 11.21 0.79 -25.89
N LEU A 195 10.86 -0.01 -26.89
CA LEU A 195 11.66 -1.18 -27.25
C LEU A 195 12.71 -0.84 -28.29
N LYS A 196 13.93 -1.35 -28.09
CA LYS A 196 15.04 -1.13 -29.01
C LYS A 196 14.80 -1.95 -30.27
N LYS A 197 14.96 -1.33 -31.43
CA LYS A 197 14.74 -2.00 -32.71
C LYS A 197 15.51 -3.31 -32.89
N ASP A 198 16.64 -3.44 -32.22
CA ASP A 198 17.43 -4.66 -32.37
C ASP A 198 17.09 -5.74 -31.35
N ALA A 199 16.51 -5.33 -30.22
CA ALA A 199 16.14 -6.27 -29.17
C ALA A 199 15.12 -7.31 -29.63
N GLN A 200 15.37 -8.56 -29.23
CA GLN A 200 14.47 -9.65 -29.57
C GLN A 200 13.04 -9.32 -29.16
N ALA A 201 12.87 -8.47 -28.15
CA ALA A 201 11.55 -8.11 -27.67
C ALA A 201 10.73 -7.32 -28.69
N SER A 202 11.39 -6.55 -29.54
CA SER A 202 10.68 -5.77 -30.56
C SER A 202 10.17 -6.67 -31.68
N ASP A 203 10.72 -7.87 -31.77
CA ASP A 203 10.33 -8.80 -32.82
C ASP A 203 9.01 -9.48 -32.47
N ILE A 204 7.94 -8.69 -32.44
CA ILE A 204 6.59 -9.19 -32.10
C ILE A 204 5.85 -9.81 -33.28
N PRO A 205 5.38 -11.06 -33.12
CA PRO A 205 4.66 -11.71 -34.21
C PRO A 205 3.26 -11.12 -34.38
N VAL A 206 2.76 -11.15 -35.61
CA VAL A 206 1.46 -10.63 -35.91
C VAL A 206 0.63 -11.78 -36.48
N VAL A 207 -0.60 -11.94 -36.00
CA VAL A 207 -1.49 -12.98 -36.51
C VAL A 207 -2.77 -12.33 -37.00
N LEU A 208 -3.47 -13.02 -37.90
CA LEU A 208 -4.72 -12.51 -38.44
C LEU A 208 -5.89 -13.28 -37.86
N ILE A 209 -6.99 -12.56 -37.64
CA ILE A 209 -8.18 -13.17 -37.05
C ILE A 209 -9.50 -12.75 -37.72
N GLU A 210 -10.39 -13.72 -37.91
CA GLU A 210 -11.71 -13.42 -38.47
C GLU A 210 -12.72 -14.17 -37.61
N ASN A 211 -13.32 -13.43 -36.69
CA ASN A 211 -14.31 -13.95 -35.76
C ASN A 211 -15.68 -14.16 -36.37
N SER A 212 -15.89 -13.59 -37.55
CA SER A 212 -17.17 -13.69 -38.24
C SER A 212 -17.57 -15.13 -38.55
N GLY A 213 -18.88 -15.37 -38.57
CA GLY A 213 -19.37 -16.70 -38.87
C GLY A 213 -19.46 -16.86 -40.38
N ARG A 214 -19.25 -15.77 -41.09
CA ARG A 214 -19.30 -15.79 -42.55
C ARG A 214 -17.92 -16.05 -43.14
N CYS A 215 -16.95 -16.29 -42.27
CA CYS A 215 -15.58 -16.54 -42.73
C CYS A 215 -15.53 -17.73 -43.67
N ASN A 216 -14.84 -17.55 -44.79
CA ASN A 216 -14.68 -18.60 -45.78
C ASN A 216 -13.95 -19.81 -45.16
N LYS A 217 -14.07 -20.96 -45.80
CA LYS A 217 -13.44 -22.18 -45.29
C LYS A 217 -12.77 -22.99 -46.39
N ASN A 218 -11.81 -23.82 -46.01
CA ASN A 218 -11.11 -24.68 -46.98
C ASN A 218 -11.87 -25.99 -47.10
N ASP A 219 -11.33 -26.93 -47.88
CA ASP A 219 -11.97 -28.23 -48.08
C ASP A 219 -12.00 -29.08 -46.81
N SER A 220 -11.23 -28.69 -45.79
CA SER A 220 -11.22 -29.43 -44.54
C SER A 220 -12.17 -28.77 -43.55
N ASP A 221 -13.01 -27.87 -44.06
CA ASP A 221 -13.98 -27.14 -43.24
C ASP A 221 -13.34 -26.15 -42.27
N GLU A 222 -12.03 -25.95 -42.39
CA GLU A 222 -11.31 -25.00 -41.53
C GLU A 222 -11.53 -23.56 -42.02
N LYS A 223 -11.58 -22.62 -41.09
CA LYS A 223 -11.78 -21.23 -41.47
C LYS A 223 -10.45 -20.69 -41.99
N VAL A 224 -10.40 -20.33 -43.26
CA VAL A 224 -9.16 -19.81 -43.85
C VAL A 224 -9.29 -18.33 -44.16
N LEU A 225 -8.14 -17.67 -44.29
CA LEU A 225 -8.11 -16.24 -44.62
C LEU A 225 -7.90 -16.05 -46.11
N PRO A 226 -7.99 -14.80 -46.59
CA PRO A 226 -7.81 -14.54 -48.01
C PRO A 226 -6.45 -15.05 -48.51
N ASN A 227 -5.51 -15.28 -47.59
CA ASN A 227 -4.19 -15.77 -47.96
C ASN A 227 -4.13 -17.30 -47.89
N GLY A 228 -5.28 -17.92 -47.69
CA GLY A 228 -5.35 -19.37 -47.63
C GLY A 228 -4.77 -20.04 -46.40
N ILE A 229 -4.83 -19.36 -45.26
CA ILE A 229 -4.31 -19.93 -44.03
C ILE A 229 -5.41 -20.11 -43.01
N ALA A 230 -5.40 -21.27 -42.34
CA ALA A 230 -6.40 -21.56 -41.31
C ALA A 230 -5.91 -20.75 -40.13
N TRP A 231 -6.58 -19.64 -39.85
CA TRP A 231 -6.13 -18.76 -38.79
C TRP A 231 -6.19 -19.29 -37.37
N ILE A 232 -7.17 -20.15 -37.09
CA ILE A 232 -7.30 -20.70 -35.75
C ILE A 232 -6.10 -21.59 -35.39
N PRO A 233 -5.74 -22.56 -36.25
CA PRO A 233 -4.58 -23.40 -35.90
C PRO A 233 -3.33 -22.53 -35.80
N HIS A 234 -3.18 -21.60 -36.76
CA HIS A 234 -2.03 -20.72 -36.78
C HIS A 234 -1.96 -19.91 -35.49
N LEU A 235 -3.11 -19.41 -35.03
CA LEU A 235 -3.14 -18.63 -33.81
C LEU A 235 -2.64 -19.42 -32.60
N VAL A 236 -3.14 -20.63 -32.42
CA VAL A 236 -2.74 -21.45 -31.27
C VAL A 236 -1.28 -21.88 -31.41
N GLN A 237 -0.84 -22.06 -32.65
CA GLN A 237 0.55 -22.42 -32.91
C GLN A 237 1.46 -21.30 -32.44
N THR A 238 1.09 -20.09 -32.82
CA THR A 238 1.90 -18.93 -32.43
C THR A 238 1.87 -18.80 -30.91
N ILE A 239 0.69 -18.96 -30.31
CA ILE A 239 0.59 -18.87 -28.87
C ILE A 239 1.50 -19.90 -28.19
N THR A 240 1.51 -21.11 -28.73
CA THR A 240 2.34 -22.19 -28.17
C THR A 240 3.83 -21.85 -28.31
N GLU A 241 4.23 -21.35 -29.46
CA GLU A 241 5.63 -21.01 -29.69
C GLU A 241 6.11 -19.87 -28.78
N VAL A 242 5.26 -18.86 -28.60
CA VAL A 242 5.63 -17.72 -27.75
C VAL A 242 5.74 -18.17 -26.29
N ALA A 243 4.80 -19.01 -25.87
CA ALA A 243 4.79 -19.53 -24.50
C ALA A 243 6.04 -20.37 -24.24
N LEU A 244 6.45 -21.15 -25.25
CA LEU A 244 7.62 -21.99 -25.09
C LEU A 244 8.94 -21.29 -25.41
N ASN A 245 8.96 -19.96 -25.53
CA ASN A 245 10.24 -19.33 -25.82
C ASN A 245 11.04 -19.21 -24.53
N LYS A 246 12.33 -18.98 -24.63
CA LYS A 246 13.18 -18.92 -23.45
C LYS A 246 12.86 -17.82 -22.45
N SER A 247 12.05 -16.84 -22.84
CA SER A 247 11.69 -15.72 -21.95
C SER A 247 10.82 -16.16 -20.77
N GLU A 248 10.87 -15.38 -19.70
CA GLU A 248 10.09 -15.69 -18.50
C GLU A 248 8.69 -15.09 -18.55
N SER A 249 7.73 -15.79 -17.95
CA SER A 249 6.38 -15.28 -17.93
C SER A 249 6.40 -14.13 -16.91
N ILE A 250 5.36 -13.31 -16.89
CA ILE A 250 5.31 -12.18 -15.96
C ILE A 250 4.42 -12.47 -14.76
N PHE A 251 5.03 -12.70 -13.61
CA PHE A 251 4.24 -12.94 -12.41
C PHE A 251 3.86 -11.55 -11.88
N VAL A 252 2.56 -11.31 -11.75
CA VAL A 252 2.10 -10.02 -11.28
C VAL A 252 1.79 -10.05 -9.79
N ASP A 253 2.47 -9.19 -9.04
CA ASP A 253 2.23 -9.08 -7.60
C ASP A 253 2.42 -7.60 -7.23
N LYS A 254 2.03 -7.23 -6.02
CA LYS A 254 2.15 -5.84 -5.55
C LYS A 254 3.57 -5.33 -5.72
N ASN A 255 4.54 -6.18 -5.42
CA ASN A 255 5.94 -5.80 -5.55
C ASN A 255 6.20 -5.33 -6.97
N LEU A 256 5.77 -6.13 -7.95
CA LEU A 256 5.98 -5.75 -9.34
C LEU A 256 5.30 -4.41 -9.62
N ILE A 257 4.05 -4.28 -9.19
CA ILE A 257 3.27 -3.06 -9.40
C ILE A 257 3.94 -1.84 -8.77
N ASP A 258 4.46 -2.03 -7.56
CA ASP A 258 5.12 -0.93 -6.86
C ASP A 258 6.42 -0.54 -7.56
N LYS A 259 7.31 -1.51 -7.74
CA LYS A 259 8.58 -1.24 -8.39
C LYS A 259 8.40 -0.53 -9.73
N LEU A 260 7.29 -0.82 -10.42
CA LEU A 260 7.03 -0.18 -11.71
C LEU A 260 6.49 1.23 -11.55
N ALA A 261 5.69 1.45 -10.49
CA ALA A 261 5.12 2.76 -10.23
C ALA A 261 6.22 3.69 -9.71
N ALA A 262 7.25 3.10 -9.11
CA ALA A 262 8.37 3.85 -8.56
C ALA A 262 9.04 4.69 -9.64
N ALA A 263 9.18 4.11 -10.83
CA ALA A 263 9.81 4.80 -11.95
C ALA A 263 9.03 6.06 -12.31
N ASP A 264 9.61 7.21 -11.96
CA ASP A 264 8.97 8.50 -12.23
C ASP A 264 9.55 9.12 -13.50
N THR B 7 -28.66 -3.64 2.73
CA THR B 7 -29.24 -2.56 1.94
C THR B 7 -29.42 -1.30 2.80
N VAL B 8 -30.39 -1.36 3.71
CA VAL B 8 -30.67 -0.25 4.61
C VAL B 8 -31.61 -0.71 5.71
N ARG B 9 -31.18 -0.54 6.96
CA ARG B 9 -31.98 -0.94 8.11
C ARG B 9 -32.02 0.15 9.16
N GLU B 10 -32.78 -0.09 10.23
CA GLU B 10 -32.90 0.88 11.31
C GLU B 10 -31.55 1.19 11.95
N TRP B 11 -31.37 2.44 12.37
CA TRP B 11 -30.13 2.85 12.99
C TRP B 11 -30.16 2.42 14.46
N SER B 12 -30.38 1.13 14.69
CA SER B 12 -30.45 0.60 16.05
C SER B 12 -29.20 0.91 16.86
N GLY B 13 -28.09 1.15 16.17
CA GLY B 13 -26.85 1.47 16.86
C GLY B 13 -26.93 2.71 17.73
N ILE B 14 -27.85 3.60 17.42
CA ILE B 14 -28.02 4.82 18.20
C ILE B 14 -28.31 4.47 19.65
N ASN B 15 -28.95 3.32 19.86
CA ASN B 15 -29.30 2.86 21.19
C ASN B 15 -28.09 2.47 22.02
N THR B 16 -26.95 2.29 21.36
CA THR B 16 -25.73 1.89 22.05
C THR B 16 -25.06 3.10 22.68
N PHE B 17 -25.52 4.29 22.30
CA PHE B 17 -24.95 5.54 22.82
C PHE B 17 -25.65 5.94 24.11
N ALA B 18 -25.00 6.80 24.89
CA ALA B 18 -25.58 7.28 26.14
C ALA B 18 -26.76 8.17 25.75
N PRO B 19 -27.90 8.04 26.44
CA PRO B 19 -29.09 8.82 26.18
C PRO B 19 -28.83 10.29 25.82
N ALA B 20 -27.92 10.93 26.53
CA ALA B 20 -27.57 12.32 26.28
C ALA B 20 -27.06 12.52 24.85
N THR B 21 -26.31 11.54 24.36
CA THR B 21 -25.75 11.60 23.02
C THR B 21 -26.84 11.32 22.00
N GLN B 22 -27.69 10.34 22.29
CA GLN B 22 -28.79 10.00 21.40
C GLN B 22 -29.66 11.23 21.19
N THR B 23 -29.92 11.94 22.29
CA THR B 23 -30.73 13.17 22.24
C THR B 23 -30.11 14.24 21.33
N LYS B 24 -28.81 14.43 21.46
CA LYS B 24 -28.12 15.43 20.64
C LYS B 24 -28.16 15.00 19.18
N LEU B 25 -27.88 13.73 18.94
CA LEU B 25 -27.90 13.20 17.60
C LEU B 25 -29.31 13.32 17.01
N LEU B 26 -30.32 13.04 17.82
CA LEU B 26 -31.69 13.14 17.34
C LEU B 26 -32.00 14.60 16.99
N GLU B 27 -31.46 15.53 17.77
CA GLU B 27 -31.68 16.95 17.49
C GLU B 27 -31.05 17.33 16.14
N LEU B 28 -29.88 16.77 15.85
CA LEU B 28 -29.19 17.07 14.58
C LEU B 28 -29.93 16.44 13.41
N LEU B 29 -30.40 15.20 13.59
CA LEU B 29 -31.13 14.54 12.52
C LEU B 29 -32.36 15.38 12.18
N GLY B 30 -32.92 16.03 13.19
CA GLY B 30 -34.09 16.87 12.99
C GLY B 30 -33.74 18.16 12.29
N ASN B 31 -32.57 18.71 12.59
CA ASN B 31 -32.12 19.97 11.96
C ASN B 31 -31.93 19.73 10.47
N LEU B 32 -31.56 18.50 10.12
CA LEU B 32 -31.36 18.16 8.72
C LEU B 32 -32.71 18.09 8.01
N LYS B 33 -33.62 17.30 8.56
CA LYS B 33 -34.95 17.14 8.00
C LYS B 33 -35.66 18.49 7.80
N GLN B 34 -35.45 19.44 8.71
CA GLN B 34 -36.08 20.74 8.58
C GLN B 34 -35.48 21.47 7.38
N GLU B 35 -34.26 21.07 7.01
CA GLU B 35 -33.56 21.68 5.89
C GLU B 35 -33.78 20.92 4.59
N ASP B 36 -34.80 20.08 4.55
CA ASP B 36 -35.12 19.29 3.37
C ASP B 36 -34.05 18.25 3.03
N VAL B 37 -33.26 17.86 4.02
CA VAL B 37 -32.21 16.86 3.83
C VAL B 37 -32.61 15.58 4.54
N ASN B 38 -33.11 14.61 3.78
CA ASN B 38 -33.57 13.34 4.32
C ASN B 38 -32.53 12.23 4.32
N SER B 39 -31.42 12.46 3.61
CA SER B 39 -30.34 11.49 3.55
C SER B 39 -29.02 12.22 3.38
N LEU B 40 -27.92 11.53 3.67
CA LEU B 40 -26.60 12.11 3.54
C LEU B 40 -25.63 10.98 3.21
N THR B 41 -24.54 11.32 2.53
CA THR B 41 -23.54 10.34 2.19
C THR B 41 -22.15 10.80 2.63
N ILE B 42 -21.56 10.05 3.55
CA ILE B 42 -20.24 10.37 4.05
C ILE B 42 -19.22 9.43 3.45
N LEU B 43 -18.14 9.99 2.93
CA LEU B 43 -17.04 9.21 2.34
C LEU B 43 -15.85 9.29 3.29
N VAL B 44 -15.38 8.13 3.73
CA VAL B 44 -14.26 8.02 4.66
C VAL B 44 -13.01 7.55 3.94
N MSE B 45 -11.99 8.40 3.93
CA MSE B 45 -10.76 8.06 3.24
C MSE B 45 -9.52 8.42 4.03
O MSE B 45 -9.60 9.10 5.06
CB MSE B 45 -10.71 8.76 1.87
CG MSE B 45 -11.78 8.28 0.92
SE MSE B 45 -11.63 9.11 -0.77
CE MSE B 45 -10.02 8.32 -1.37
N GLY B 46 -8.38 7.95 3.55
CA GLY B 46 -7.11 8.23 4.20
C GLY B 46 -6.10 7.12 4.03
N LYS B 47 -5.05 7.14 4.84
CA LYS B 47 -4.02 6.13 4.79
C LYS B 47 -4.62 4.88 5.43
N GLY B 48 -3.84 3.81 5.49
CA GLY B 48 -4.32 2.59 6.09
C GLY B 48 -3.95 2.47 7.56
N GLY B 49 -4.85 1.89 8.36
CA GLY B 49 -4.58 1.71 9.79
C GLY B 49 -4.68 2.95 10.65
N VAL B 50 -5.48 3.93 10.25
CA VAL B 50 -5.62 5.16 11.03
C VAL B 50 -6.93 5.25 11.82
N GLY B 51 -7.80 4.25 11.64
CA GLY B 51 -9.07 4.22 12.36
C GLY B 51 -10.30 4.49 11.53
N LYS B 52 -10.16 4.41 10.20
CA LYS B 52 -11.29 4.64 9.29
C LYS B 52 -12.48 3.70 9.53
N SER B 53 -12.23 2.40 9.53
CA SER B 53 -13.30 1.42 9.75
C SER B 53 -13.89 1.51 11.15
N SER B 54 -13.03 1.70 12.15
CA SER B 54 -13.48 1.79 13.54
C SER B 54 -14.42 2.98 13.72
N THR B 55 -14.12 4.09 13.05
CA THR B 55 -14.96 5.28 13.13
C THR B 55 -16.34 4.94 12.56
N VAL B 56 -16.36 4.21 11.46
CA VAL B 56 -17.61 3.80 10.84
C VAL B 56 -18.41 2.93 11.82
N ASN B 57 -17.74 1.99 12.48
CA ASN B 57 -18.42 1.12 13.43
C ASN B 57 -19.01 1.93 14.59
N SER B 58 -18.26 2.93 15.06
CA SER B 58 -18.71 3.78 16.15
C SER B 58 -19.93 4.61 15.80
N ILE B 59 -19.92 5.20 14.61
CA ILE B 59 -21.02 6.03 14.15
C ILE B 59 -22.28 5.20 13.94
N ILE B 60 -22.12 4.09 13.22
CA ILE B 60 -23.23 3.20 12.95
C ILE B 60 -23.72 2.54 14.22
N GLY B 61 -22.80 2.30 15.15
CA GLY B 61 -23.19 1.66 16.39
C GLY B 61 -23.28 0.14 16.31
N GLU B 62 -22.44 -0.45 15.47
CA GLU B 62 -22.35 -1.91 15.30
C GLU B 62 -21.13 -2.23 14.42
N ARG B 63 -20.59 -3.45 14.56
CA ARG B 63 -19.43 -3.84 13.77
C ARG B 63 -19.88 -4.26 12.38
N VAL B 64 -19.87 -3.31 11.45
CA VAL B 64 -20.27 -3.58 10.07
C VAL B 64 -19.07 -3.66 9.13
N VAL B 65 -17.95 -3.09 9.54
CA VAL B 65 -16.74 -3.12 8.71
C VAL B 65 -15.56 -3.74 9.45
N SER B 66 -14.69 -4.42 8.71
CA SER B 66 -13.53 -5.07 9.29
C SER B 66 -12.41 -4.12 9.66
N ILE B 67 -11.77 -4.40 10.79
CA ILE B 67 -10.66 -3.58 11.26
C ILE B 67 -9.35 -4.25 10.85
N SER B 68 -8.26 -3.47 10.84
CA SER B 68 -6.94 -3.97 10.43
C SER B 68 -5.86 -3.76 11.48
N PRO B 69 -5.82 -4.61 12.52
CA PRO B 69 -4.81 -4.49 13.57
C PRO B 69 -3.41 -5.01 13.20
N PHE B 70 -3.31 -5.79 12.13
CA PHE B 70 -2.03 -6.36 11.75
C PHE B 70 -1.59 -6.24 10.29
N GLN B 71 -2.51 -5.96 9.38
CA GLN B 71 -2.13 -5.89 7.97
C GLN B 71 -3.10 -5.14 7.10
N SER B 72 -2.72 -4.97 5.84
CA SER B 72 -3.55 -4.25 4.88
C SER B 72 -5.03 -4.60 4.95
N GLU B 73 -5.85 -3.59 4.63
CA GLU B 73 -7.30 -3.71 4.65
C GLU B 73 -7.81 -4.39 3.38
N GLY B 74 -9.09 -4.75 3.39
CA GLY B 74 -9.69 -5.38 2.22
C GLY B 74 -9.66 -4.41 1.05
N PRO B 75 -9.53 -4.89 -0.18
CA PRO B 75 -9.47 -4.01 -1.36
C PRO B 75 -10.79 -3.40 -1.80
N ARG B 76 -11.90 -3.87 -1.26
CA ARG B 76 -13.16 -3.32 -1.71
C ARG B 76 -13.90 -2.38 -0.76
N PRO B 77 -14.40 -1.25 -1.28
CA PRO B 77 -15.14 -0.28 -0.47
C PRO B 77 -16.45 -0.91 -0.01
N VAL B 78 -17.02 -0.40 1.07
CA VAL B 78 -18.27 -0.91 1.60
C VAL B 78 -19.16 0.24 2.04
N MSE B 79 -20.43 0.24 1.63
CA MSE B 79 -21.33 1.30 2.05
C MSE B 79 -22.34 0.75 3.05
O MSE B 79 -22.98 -0.28 2.81
CB MSE B 79 -22.05 1.93 0.86
CG MSE B 79 -23.03 3.04 1.24
SE MSE B 79 -23.69 4.01 -0.29
CE MSE B 79 -25.05 2.78 -0.87
N VAL B 80 -22.47 1.42 4.19
CA VAL B 80 -23.41 1.02 5.24
C VAL B 80 -24.49 2.10 5.30
N SER B 81 -25.75 1.68 5.25
CA SER B 81 -26.89 2.60 5.31
C SER B 81 -27.81 2.23 6.48
N ARG B 82 -28.18 3.23 7.28
CA ARG B 82 -29.07 3.05 8.44
C ARG B 82 -30.04 4.21 8.46
N SER B 83 -31.30 3.93 8.79
CA SER B 83 -32.32 4.99 8.82
C SER B 83 -32.88 5.24 10.21
N ARG B 84 -33.26 6.49 10.47
CA ARG B 84 -33.81 6.84 11.77
C ARG B 84 -34.62 8.13 11.75
N ALA B 85 -35.85 8.04 12.24
CA ALA B 85 -36.74 9.20 12.30
C ALA B 85 -36.91 9.85 10.93
N GLY B 86 -36.97 9.03 9.89
CA GLY B 86 -37.14 9.55 8.55
C GLY B 86 -35.87 10.00 7.84
N PHE B 87 -34.71 9.74 8.46
CA PHE B 87 -33.45 10.15 7.85
C PHE B 87 -32.55 8.95 7.59
N THR B 88 -31.89 8.93 6.44
CA THR B 88 -31.00 7.83 6.11
C THR B 88 -29.55 8.28 5.98
N LEU B 89 -28.66 7.62 6.72
CA LEU B 89 -27.24 7.93 6.67
C LEU B 89 -26.52 6.89 5.83
N ASN B 90 -25.75 7.37 4.86
CA ASN B 90 -24.99 6.49 3.98
C ASN B 90 -23.52 6.76 4.24
N ILE B 91 -22.83 5.77 4.78
CA ILE B 91 -21.41 5.92 5.08
C ILE B 91 -20.57 4.92 4.29
N ILE B 92 -19.69 5.46 3.46
CA ILE B 92 -18.83 4.64 2.63
C ILE B 92 -17.44 4.50 3.21
N ASP B 93 -17.08 3.27 3.53
CA ASP B 93 -15.78 2.95 4.07
C ASP B 93 -14.92 2.57 2.86
N THR B 94 -13.62 2.83 2.94
CA THR B 94 -12.71 2.54 1.82
C THR B 94 -11.35 2.05 2.31
N PRO B 95 -10.56 1.45 1.41
CA PRO B 95 -9.24 0.97 1.81
C PRO B 95 -8.22 2.12 1.81
N GLY B 96 -7.22 2.02 2.68
CA GLY B 96 -6.20 3.04 2.78
C GLY B 96 -5.59 3.34 1.41
N LEU B 97 -5.20 4.59 1.19
CA LEU B 97 -4.62 5.01 -0.08
C LEU B 97 -3.12 4.83 -0.14
N ILE B 98 -2.52 4.50 0.98
CA ILE B 98 -1.08 4.28 1.05
C ILE B 98 -0.85 2.90 1.62
N GLU B 99 0.18 2.23 1.12
CA GLU B 99 0.52 0.91 1.61
C GLU B 99 2.04 0.93 1.62
N GLY B 100 2.59 1.44 2.72
CA GLY B 100 4.04 1.54 2.83
C GLY B 100 4.46 2.91 2.32
N GLY B 101 5.16 2.94 1.19
CA GLY B 101 5.60 4.21 0.64
C GLY B 101 5.03 4.43 -0.74
N TYR B 102 4.01 3.65 -1.09
CA TYR B 102 3.41 3.76 -2.40
C TYR B 102 1.91 4.08 -2.37
N ILE B 103 1.50 5.05 -3.18
CA ILE B 103 0.10 5.40 -3.26
C ILE B 103 -0.53 4.19 -3.96
N ASN B 104 -1.66 3.73 -3.45
CA ASN B 104 -2.31 2.58 -4.05
C ASN B 104 -3.32 3.02 -5.12
N ASP B 105 -2.87 3.11 -6.37
CA ASP B 105 -3.76 3.54 -7.45
C ASP B 105 -4.84 2.52 -7.76
N MSE B 106 -4.60 1.26 -7.43
CA MSE B 106 -5.61 0.24 -7.68
C MSE B 106 -6.77 0.48 -6.73
O MSE B 106 -7.94 0.40 -7.11
CB MSE B 106 -5.03 -1.16 -7.52
CG MSE B 106 -4.06 -1.54 -8.61
SE MSE B 106 -3.29 -3.25 -8.29
CE MSE B 106 -2.24 -2.76 -6.75
N ALA B 107 -6.43 0.78 -5.48
CA ALA B 107 -7.45 1.05 -4.46
C ALA B 107 -8.16 2.36 -4.80
N LEU B 108 -7.36 3.36 -5.20
CA LEU B 108 -7.91 4.67 -5.55
C LEU B 108 -8.94 4.59 -6.67
N ASN B 109 -8.63 3.84 -7.72
CA ASN B 109 -9.57 3.75 -8.82
C ASN B 109 -10.76 2.84 -8.56
N ILE B 110 -10.59 1.89 -7.65
CA ILE B 110 -11.69 0.99 -7.31
C ILE B 110 -12.71 1.84 -6.55
N ILE B 111 -12.21 2.78 -5.74
CA ILE B 111 -13.07 3.68 -4.99
C ILE B 111 -13.83 4.57 -5.97
N LYS B 112 -13.11 5.12 -6.93
CA LYS B 112 -13.78 5.97 -7.93
C LYS B 112 -14.92 5.22 -8.62
N SER B 113 -14.67 3.98 -9.04
CA SER B 113 -15.70 3.20 -9.72
C SER B 113 -16.92 2.97 -8.84
N PHE B 114 -16.67 2.65 -7.57
CA PHE B 114 -17.75 2.40 -6.62
C PHE B 114 -18.56 3.67 -6.33
N LEU B 115 -17.93 4.83 -6.51
CA LEU B 115 -18.61 6.11 -6.26
C LEU B 115 -19.31 6.64 -7.52
N LEU B 116 -19.26 5.87 -8.59
CA LEU B 116 -19.91 6.27 -9.83
C LEU B 116 -21.41 6.40 -9.59
N ASP B 117 -21.96 7.53 -10.00
CA ASP B 117 -23.38 7.81 -9.85
C ASP B 117 -23.80 7.94 -8.38
N LYS B 118 -22.87 8.39 -7.55
CA LYS B 118 -23.15 8.60 -6.13
C LYS B 118 -22.82 10.05 -5.82
N THR B 119 -23.26 10.51 -4.66
CA THR B 119 -23.03 11.88 -4.23
C THR B 119 -22.26 11.91 -2.92
N ILE B 120 -21.18 12.69 -2.89
CA ILE B 120 -20.36 12.83 -1.69
C ILE B 120 -20.75 14.12 -0.99
N ASP B 121 -21.47 14.01 0.13
CA ASP B 121 -21.89 15.22 0.85
C ASP B 121 -20.84 15.69 1.83
N VAL B 122 -20.15 14.73 2.42
CA VAL B 122 -19.11 15.00 3.39
C VAL B 122 -17.94 14.04 3.18
N LEU B 123 -16.72 14.57 3.29
CA LEU B 123 -15.50 13.76 3.16
C LEU B 123 -14.86 13.72 4.54
N LEU B 124 -14.73 12.53 5.11
CA LEU B 124 -14.11 12.38 6.41
C LEU B 124 -12.67 11.89 6.18
N TYR B 125 -11.70 12.78 6.30
CA TYR B 125 -10.28 12.45 6.12
C TYR B 125 -9.76 12.00 7.49
N VAL B 126 -9.46 10.71 7.61
CA VAL B 126 -9.01 10.17 8.89
C VAL B 126 -7.50 9.97 9.04
N ASP B 127 -6.99 10.29 10.22
CA ASP B 127 -5.58 10.08 10.55
C ASP B 127 -5.52 9.89 12.07
N ARG B 128 -4.34 9.57 12.59
CA ARG B 128 -4.19 9.36 14.02
C ARG B 128 -3.68 10.61 14.71
N LEU B 129 -4.12 10.82 15.95
CA LEU B 129 -3.68 11.98 16.73
C LEU B 129 -2.25 11.76 17.19
N ASP B 130 -1.97 10.53 17.63
CA ASP B 130 -0.65 10.15 18.13
C ASP B 130 0.36 9.73 17.05
N ALA B 131 0.54 10.63 16.09
CA ALA B 131 1.48 10.46 14.98
C ALA B 131 2.40 11.66 15.18
N TYR B 132 3.69 11.50 14.96
CA TYR B 132 4.59 12.62 15.21
C TYR B 132 5.33 13.19 14.01
N ARG B 133 5.15 12.58 12.85
CA ARG B 133 5.83 13.04 11.66
C ARG B 133 4.85 13.11 10.51
N VAL B 134 5.09 14.03 9.60
CA VAL B 134 4.24 14.17 8.43
C VAL B 134 5.16 14.37 7.25
N ASP B 135 4.93 13.65 6.15
CA ASP B 135 5.79 13.80 5.00
C ASP B 135 5.07 13.77 3.67
N ASN B 136 5.85 13.63 2.60
CA ASN B 136 5.29 13.60 1.25
C ASN B 136 4.17 12.56 1.09
N LEU B 137 4.25 11.46 1.83
CA LEU B 137 3.23 10.42 1.72
C LEU B 137 1.87 10.99 2.08
N ASP B 138 1.82 11.82 3.13
CA ASP B 138 0.58 12.43 3.53
C ASP B 138 0.11 13.38 2.45
N LYS B 139 1.05 14.13 1.88
CA LYS B 139 0.72 15.06 0.81
C LYS B 139 0.18 14.31 -0.42
N LEU B 140 0.77 13.15 -0.72
CA LEU B 140 0.33 12.37 -1.88
C LEU B 140 -1.11 11.90 -1.73
N VAL B 141 -1.54 11.67 -0.49
CA VAL B 141 -2.90 11.25 -0.22
C VAL B 141 -3.88 12.38 -0.53
N ALA B 142 -3.57 13.57 -0.04
CA ALA B 142 -4.44 14.71 -0.31
C ALA B 142 -4.49 14.91 -1.82
N LYS B 143 -3.33 14.86 -2.46
CA LYS B 143 -3.25 15.05 -3.91
C LYS B 143 -4.09 14.01 -4.67
N ALA B 144 -3.99 12.76 -4.26
CA ALA B 144 -4.75 11.68 -4.89
C ALA B 144 -6.26 11.93 -4.78
N ILE B 145 -6.68 12.46 -3.63
CA ILE B 145 -8.09 12.76 -3.39
C ILE B 145 -8.53 13.92 -4.27
N THR B 146 -7.71 14.96 -4.32
CA THR B 146 -8.01 16.15 -5.11
C THR B 146 -8.14 15.81 -6.60
N ASP B 147 -7.21 15.00 -7.10
CA ASP B 147 -7.23 14.61 -8.51
C ASP B 147 -8.36 13.65 -8.81
N SER B 148 -8.91 12.99 -7.79
CA SER B 148 -9.98 12.04 -8.04
C SER B 148 -11.37 12.66 -7.97
N PHE B 149 -11.53 13.75 -7.21
CA PHE B 149 -12.85 14.35 -7.08
C PHE B 149 -12.92 15.85 -7.17
N GLY B 150 -11.81 16.50 -7.47
CA GLY B 150 -11.81 17.95 -7.58
C GLY B 150 -11.51 18.64 -6.26
N LYS B 151 -10.95 19.84 -6.34
CA LYS B 151 -10.62 20.57 -5.12
C LYS B 151 -11.89 20.89 -4.32
N GLY B 152 -13.03 20.92 -5.00
CA GLY B 152 -14.27 21.22 -4.32
C GLY B 152 -14.62 20.24 -3.20
N ILE B 153 -14.06 19.04 -3.26
CA ILE B 153 -14.36 18.04 -2.24
C ILE B 153 -13.92 18.53 -0.85
N TRP B 154 -12.89 19.36 -0.81
CA TRP B 154 -12.39 19.86 0.45
C TRP B 154 -13.34 20.82 1.19
N ASN B 155 -14.23 21.51 0.47
CA ASN B 155 -15.21 22.38 1.13
C ASN B 155 -16.13 21.52 2.00
N LYS B 156 -16.19 20.23 1.69
CA LYS B 156 -17.03 19.29 2.44
C LYS B 156 -16.21 18.32 3.25
N ALA B 157 -14.94 18.66 3.50
CA ALA B 157 -14.06 17.78 4.25
C ALA B 157 -13.99 18.09 5.74
N ILE B 158 -13.63 17.06 6.50
CA ILE B 158 -13.44 17.16 7.93
C ILE B 158 -12.25 16.24 8.21
N VAL B 159 -11.28 16.72 8.96
CA VAL B 159 -10.12 15.92 9.33
C VAL B 159 -10.44 15.41 10.72
N ALA B 160 -10.46 14.08 10.85
CA ALA B 160 -10.77 13.44 12.11
C ALA B 160 -9.56 12.68 12.58
N LEU B 161 -9.12 12.99 13.80
CA LEU B 161 -7.95 12.34 14.38
C LEU B 161 -8.34 11.34 15.44
N THR B 162 -8.02 10.06 15.21
CA THR B 162 -8.37 9.00 16.15
C THR B 162 -7.34 8.81 17.26
N HIS B 163 -7.70 7.96 18.23
CA HIS B 163 -6.85 7.68 19.38
C HIS B 163 -6.80 8.96 20.21
N ALA B 164 -7.95 9.64 20.29
CA ALA B 164 -8.05 10.91 21.01
C ALA B 164 -7.75 10.84 22.51
N GLN B 165 -8.01 9.70 23.16
CA GLN B 165 -7.69 9.63 24.58
C GLN B 165 -6.19 9.43 24.67
N PHE B 166 -5.47 10.49 24.37
CA PHE B 166 -4.01 10.52 24.33
C PHE B 166 -3.42 11.45 25.38
N SER B 167 -2.30 11.05 25.95
CA SER B 167 -1.61 11.86 26.93
C SER B 167 -0.33 12.35 26.26
N PRO B 168 -0.28 13.65 25.91
CA PRO B 168 0.92 14.20 25.26
C PRO B 168 2.19 13.98 26.03
N PRO B 169 3.31 13.84 25.31
CA PRO B 169 4.61 13.63 25.94
C PRO B 169 5.17 14.94 26.47
N ASP B 170 6.11 14.82 27.41
CA ASP B 170 6.74 16.00 28.02
C ASP B 170 5.71 16.87 28.73
N GLY B 171 4.65 16.24 29.21
CA GLY B 171 3.61 16.97 29.92
C GLY B 171 3.03 18.12 29.13
N LEU B 172 3.19 18.07 27.81
CA LEU B 172 2.67 19.11 26.93
C LEU B 172 1.15 19.10 27.05
N PRO B 173 0.52 20.28 27.10
CA PRO B 173 -0.94 20.37 27.21
C PRO B 173 -1.62 19.65 26.06
N TYR B 174 -2.72 18.97 26.39
CA TYR B 174 -3.50 18.22 25.41
C TYR B 174 -3.93 19.13 24.26
N ASP B 175 -4.45 20.31 24.60
CA ASP B 175 -4.92 21.25 23.60
C ASP B 175 -3.78 21.73 22.69
N GLU B 176 -2.59 21.90 23.25
CA GLU B 176 -1.44 22.36 22.48
C GLU B 176 -0.99 21.28 21.51
N PHE B 177 -0.95 20.04 21.98
CA PHE B 177 -0.54 18.95 21.11
C PHE B 177 -1.51 18.95 19.92
N PHE B 178 -2.80 18.85 20.23
CA PHE B 178 -3.85 18.83 19.21
C PHE B 178 -3.68 19.94 18.18
N SER B 179 -3.44 21.15 18.67
CA SER B 179 -3.23 22.31 17.81
C SER B 179 -2.02 22.14 16.89
N LYS B 180 -0.90 21.75 17.48
CA LYS B 180 0.36 21.53 16.75
C LYS B 180 0.21 20.40 15.73
N ARG B 181 -0.37 19.29 16.18
CA ARG B 181 -0.59 18.13 15.33
C ARG B 181 -1.54 18.50 14.17
N SER B 182 -2.62 19.19 14.49
CA SER B 182 -3.61 19.61 13.51
C SER B 182 -3.06 20.54 12.44
N GLU B 183 -2.28 21.53 12.87
CA GLU B 183 -1.70 22.47 11.93
C GLU B 183 -0.65 21.84 11.04
N ALA B 184 0.05 20.83 11.56
CA ALA B 184 1.08 20.15 10.79
C ALA B 184 0.42 19.36 9.66
N LEU B 185 -0.65 18.65 10.00
CA LEU B 185 -1.34 17.84 9.01
C LEU B 185 -2.06 18.72 7.99
N LEU B 186 -2.73 19.77 8.46
CA LEU B 186 -3.45 20.66 7.54
C LEU B 186 -2.54 21.30 6.49
N GLN B 187 -1.32 21.62 6.87
CA GLN B 187 -0.38 22.24 5.96
C GLN B 187 0.00 21.33 4.80
N VAL B 188 0.09 20.03 5.08
CA VAL B 188 0.44 19.08 4.04
C VAL B 188 -0.81 18.77 3.20
N VAL B 189 -1.96 18.67 3.84
CA VAL B 189 -3.20 18.40 3.10
C VAL B 189 -3.40 19.54 2.10
N ARG B 190 -3.32 20.79 2.58
CA ARG B 190 -3.48 21.95 1.73
C ARG B 190 -2.47 21.99 0.58
N SER B 191 -1.22 21.69 0.91
CA SER B 191 -0.16 21.67 -0.10
C SER B 191 -0.49 20.60 -1.15
N GLY B 192 -0.78 19.39 -0.68
CA GLY B 192 -1.12 18.33 -1.61
C GLY B 192 -2.35 18.63 -2.43
N ALA B 193 -3.31 19.33 -1.83
CA ALA B 193 -4.55 19.68 -2.51
C ALA B 193 -4.44 20.99 -3.28
N SER B 194 -3.27 21.62 -3.23
CA SER B 194 -3.06 22.90 -3.92
C SER B 194 -4.09 23.94 -3.49
N LEU B 195 -4.43 23.99 -2.21
CA LEU B 195 -5.41 24.97 -1.74
C LEU B 195 -4.74 26.26 -1.27
N LYS B 196 -5.39 27.40 -1.49
CA LYS B 196 -4.86 28.70 -1.09
C LYS B 196 -5.03 28.92 0.42
N LYS B 197 -4.00 29.46 1.06
CA LYS B 197 -4.01 29.74 2.50
C LYS B 197 -5.25 30.51 2.96
N ASP B 198 -5.55 31.60 2.27
CA ASP B 198 -6.68 32.44 2.61
C ASP B 198 -7.99 31.95 2.00
N ALA B 199 -7.97 30.80 1.34
CA ALA B 199 -9.18 30.27 0.74
C ALA B 199 -10.04 29.54 1.76
N GLN B 200 -11.35 29.69 1.62
CA GLN B 200 -12.30 29.05 2.51
C GLN B 200 -12.13 27.54 2.49
N ALA B 201 -11.76 27.01 1.33
CA ALA B 201 -11.56 25.57 1.15
C ALA B 201 -10.40 25.08 2.02
N SER B 202 -9.50 26.00 2.36
CA SER B 202 -8.35 25.64 3.18
C SER B 202 -8.72 25.57 4.67
N ASP B 203 -9.83 26.21 5.04
CA ASP B 203 -10.30 26.22 6.43
C ASP B 203 -11.09 24.95 6.74
N ILE B 204 -10.37 23.84 6.80
CA ILE B 204 -10.95 22.53 7.06
C ILE B 204 -11.06 22.28 8.55
N PRO B 205 -12.27 21.96 9.03
CA PRO B 205 -12.41 21.70 10.46
C PRO B 205 -11.76 20.36 10.85
N VAL B 206 -11.28 20.28 12.10
CA VAL B 206 -10.63 19.08 12.62
C VAL B 206 -11.32 18.65 13.90
N VAL B 207 -11.65 17.37 13.99
CA VAL B 207 -12.31 16.82 15.16
C VAL B 207 -11.52 15.65 15.72
N LEU B 208 -11.78 15.32 16.98
CA LEU B 208 -11.09 14.23 17.65
C LEU B 208 -12.01 13.06 17.85
N ILE B 209 -11.45 11.85 17.71
CA ILE B 209 -12.22 10.64 17.85
C ILE B 209 -11.52 9.63 18.73
N GLU B 210 -12.28 8.91 19.54
CA GLU B 210 -11.72 7.87 20.38
C GLU B 210 -12.70 6.72 20.36
N ASN B 211 -12.50 5.83 19.40
CA ASN B 211 -13.34 4.66 19.18
C ASN B 211 -13.15 3.59 20.23
N SER B 212 -12.04 3.65 20.96
CA SER B 212 -11.76 2.65 21.98
C SER B 212 -12.91 2.49 22.96
N GLY B 213 -13.13 1.25 23.38
CA GLY B 213 -14.18 0.97 24.33
C GLY B 213 -13.84 1.49 25.72
N ARG B 214 -12.55 1.61 26.00
CA ARG B 214 -12.11 2.09 27.31
C ARG B 214 -12.05 3.61 27.38
N CYS B 215 -12.78 4.28 26.49
CA CYS B 215 -12.80 5.73 26.48
C CYS B 215 -13.44 6.22 27.77
N ASN B 216 -12.86 7.25 28.38
CA ASN B 216 -13.41 7.80 29.62
C ASN B 216 -14.78 8.39 29.33
N LYS B 217 -15.63 8.48 30.36
CA LYS B 217 -16.97 9.02 30.18
C LYS B 217 -17.25 10.13 31.17
N ASN B 218 -18.30 10.91 30.91
CA ASN B 218 -18.67 12.01 31.79
C ASN B 218 -19.84 11.65 32.70
N ASP B 219 -20.42 12.67 33.33
CA ASP B 219 -21.55 12.47 34.23
C ASP B 219 -22.79 11.95 33.50
N SER B 220 -22.88 12.20 32.21
CA SER B 220 -24.01 11.72 31.41
C SER B 220 -23.68 10.40 30.73
N ASP B 221 -22.56 9.80 31.15
CA ASP B 221 -22.10 8.52 30.63
C ASP B 221 -21.62 8.57 29.18
N GLU B 222 -21.45 9.77 28.63
CA GLU B 222 -20.99 9.94 27.25
C GLU B 222 -19.49 9.76 27.12
N LYS B 223 -19.03 9.39 25.92
CA LYS B 223 -17.59 9.24 25.68
C LYS B 223 -16.97 10.63 25.59
N VAL B 224 -16.08 10.94 26.52
CA VAL B 224 -15.45 12.25 26.54
C VAL B 224 -13.95 12.17 26.30
N LEU B 225 -13.39 13.26 25.78
CA LEU B 225 -11.96 13.35 25.50
C LEU B 225 -11.31 14.10 26.66
N PRO B 226 -9.97 14.04 26.74
CA PRO B 226 -9.28 14.74 27.81
C PRO B 226 -9.67 16.23 27.92
N ASN B 227 -10.14 16.79 26.81
CA ASN B 227 -10.53 18.20 26.83
C ASN B 227 -11.96 18.38 27.36
N GLY B 228 -12.56 17.28 27.80
CA GLY B 228 -13.90 17.31 28.35
C GLY B 228 -14.99 17.52 27.31
N ILE B 229 -14.88 16.84 26.19
CA ILE B 229 -15.85 17.00 25.13
C ILE B 229 -16.30 15.64 24.61
N ALA B 230 -17.61 15.47 24.44
CA ALA B 230 -18.13 14.20 23.94
C ALA B 230 -17.91 14.22 22.44
N TRP B 231 -16.87 13.51 22.01
CA TRP B 231 -16.52 13.47 20.59
C TRP B 231 -17.59 12.95 19.64
N ILE B 232 -18.45 12.02 20.08
CA ILE B 232 -19.49 11.50 19.19
C ILE B 232 -20.50 12.55 18.75
N PRO B 233 -21.11 13.28 19.71
CA PRO B 233 -22.10 14.31 19.33
C PRO B 233 -21.41 15.46 18.59
N HIS B 234 -20.18 15.76 18.98
CA HIS B 234 -19.42 16.83 18.37
C HIS B 234 -19.06 16.47 16.92
N LEU B 235 -18.82 15.19 16.67
CA LEU B 235 -18.47 14.70 15.33
C LEU B 235 -19.69 14.77 14.42
N VAL B 236 -20.83 14.31 14.94
CA VAL B 236 -22.06 14.32 14.16
C VAL B 236 -22.51 15.75 13.90
N GLN B 237 -22.29 16.61 14.88
CA GLN B 237 -22.66 18.02 14.74
C GLN B 237 -21.81 18.64 13.64
N THR B 238 -20.52 18.33 13.65
CA THR B 238 -19.64 18.89 12.64
C THR B 238 -20.09 18.36 11.28
N ILE B 239 -20.32 17.06 11.19
CA ILE B 239 -20.76 16.46 9.93
C ILE B 239 -22.01 17.14 9.36
N THR B 240 -22.94 17.47 10.25
CA THR B 240 -24.20 18.14 9.90
C THR B 240 -23.95 19.55 9.39
N GLU B 241 -23.15 20.31 10.14
CA GLU B 241 -22.86 21.68 9.75
C GLU B 241 -22.15 21.72 8.40
N VAL B 242 -21.23 20.79 8.17
CA VAL B 242 -20.50 20.77 6.92
C VAL B 242 -21.41 20.39 5.76
N ALA B 243 -22.24 19.38 5.96
CA ALA B 243 -23.17 18.94 4.93
C ALA B 243 -24.12 20.07 4.55
N LEU B 244 -24.46 20.92 5.51
CA LEU B 244 -25.35 22.03 5.25
C LEU B 244 -24.62 23.33 4.87
N ASN B 245 -23.31 23.28 4.62
CA ASN B 245 -22.63 24.51 4.26
C ASN B 245 -22.98 24.97 2.84
N LYS B 246 -22.55 26.18 2.48
CA LYS B 246 -22.90 26.73 1.18
C LYS B 246 -22.31 26.01 -0.02
N SER B 247 -21.29 25.20 0.22
CA SER B 247 -20.63 24.46 -0.85
C SER B 247 -21.50 23.33 -1.41
N GLU B 248 -21.30 23.03 -2.68
CA GLU B 248 -22.04 21.97 -3.36
C GLU B 248 -21.45 20.62 -3.01
N SER B 249 -22.28 19.59 -3.04
CA SER B 249 -21.80 18.24 -2.79
C SER B 249 -21.17 17.78 -4.10
N ILE B 250 -20.34 16.74 -4.05
CA ILE B 250 -19.68 16.26 -5.26
C ILE B 250 -20.38 15.04 -5.89
N PHE B 251 -21.08 15.27 -6.99
CA PHE B 251 -21.76 14.18 -7.68
C PHE B 251 -20.73 13.51 -8.56
N VAL B 252 -20.39 12.26 -8.26
CA VAL B 252 -19.37 11.52 -9.01
C VAL B 252 -19.97 10.85 -10.25
N ASP B 253 -19.76 11.44 -11.42
CA ASP B 253 -20.27 10.86 -12.66
C ASP B 253 -19.18 10.71 -13.72
N LYS B 254 -19.54 10.15 -14.86
CA LYS B 254 -18.58 9.95 -15.93
C LYS B 254 -17.99 11.30 -16.36
N ASN B 255 -18.83 12.35 -16.38
CA ASN B 255 -18.35 13.68 -16.76
C ASN B 255 -17.27 14.19 -15.81
N LEU B 256 -17.51 14.06 -14.51
CA LEU B 256 -16.56 14.53 -13.50
C LEU B 256 -15.19 13.86 -13.65
N ILE B 257 -15.16 12.53 -13.53
CA ILE B 257 -13.90 11.80 -13.64
C ILE B 257 -13.13 12.14 -14.91
N ASP B 258 -13.81 12.10 -16.05
CA ASP B 258 -13.16 12.41 -17.32
C ASP B 258 -12.63 13.85 -17.32
N LYS B 259 -13.48 14.79 -16.95
CA LYS B 259 -13.09 16.20 -16.90
C LYS B 259 -11.84 16.36 -16.03
N LEU B 260 -11.86 15.74 -14.85
CA LEU B 260 -10.73 15.83 -13.92
C LEU B 260 -9.53 15.08 -14.49
N ALA B 261 -9.79 14.12 -15.38
CA ALA B 261 -8.73 13.35 -16.01
C ALA B 261 -7.93 14.26 -16.94
N ALA B 262 -8.59 15.28 -17.48
CA ALA B 262 -7.92 16.23 -18.37
C ALA B 262 -7.02 17.15 -17.55
N VAL C 8 33.97 10.51 28.36
CA VAL C 8 34.72 11.60 28.97
C VAL C 8 33.98 12.12 30.21
N ARG C 9 32.79 12.67 30.00
CA ARG C 9 31.99 13.19 31.10
C ARG C 9 31.45 12.07 31.97
N GLU C 10 31.42 12.31 33.29
CA GLU C 10 30.91 11.31 34.22
C GLU C 10 29.44 11.08 33.92
N TRP C 11 28.99 9.84 34.10
CA TRP C 11 27.59 9.51 33.84
C TRP C 11 26.75 9.83 35.06
N SER C 12 26.32 11.08 35.17
CA SER C 12 25.51 11.54 36.29
C SER C 12 24.05 11.12 36.17
N GLY C 13 23.58 10.95 34.94
CA GLY C 13 22.20 10.56 34.73
C GLY C 13 21.81 9.28 35.45
N ILE C 14 22.80 8.45 35.73
CA ILE C 14 22.54 7.19 36.41
C ILE C 14 22.06 7.44 37.84
N ASN C 15 22.20 8.68 38.30
CA ASN C 15 21.76 9.03 39.64
C ASN C 15 20.29 9.42 39.69
N THR C 16 19.65 9.55 38.53
CA THR C 16 18.24 9.93 38.46
C THR C 16 17.28 8.73 38.47
N PHE C 17 17.82 7.55 38.17
CA PHE C 17 17.01 6.32 38.14
C PHE C 17 16.56 5.89 39.53
N ALA C 18 15.52 5.05 39.58
CA ALA C 18 15.03 4.55 40.87
C ALA C 18 16.15 3.72 41.48
N PRO C 19 16.25 3.71 42.82
CA PRO C 19 17.30 2.96 43.52
C PRO C 19 17.50 1.53 43.02
N ALA C 20 16.41 0.79 42.89
CA ALA C 20 16.47 -0.59 42.43
C ALA C 20 17.14 -0.68 41.05
N THR C 21 16.70 0.16 40.12
CA THR C 21 17.26 0.16 38.78
C THR C 21 18.71 0.66 38.81
N GLN C 22 18.95 1.67 39.64
CA GLN C 22 20.28 2.23 39.77
C GLN C 22 21.27 1.15 40.20
N THR C 23 20.89 0.30 41.16
CA THR C 23 21.78 -0.75 41.61
C THR C 23 21.92 -1.81 40.54
N LYS C 24 20.84 -2.06 39.82
CA LYS C 24 20.87 -3.06 38.75
C LYS C 24 21.86 -2.64 37.64
N LEU C 25 21.77 -1.38 37.21
CA LEU C 25 22.67 -0.90 36.16
C LEU C 25 24.13 -1.04 36.57
N LEU C 26 24.45 -0.63 37.80
CA LEU C 26 25.81 -0.72 38.31
C LEU C 26 26.32 -2.16 38.34
N GLU C 27 25.42 -3.11 38.65
CA GLU C 27 25.79 -4.52 38.68
C GLU C 27 26.12 -5.01 37.28
N LEU C 28 25.33 -4.57 36.30
CA LEU C 28 25.56 -4.96 34.93
C LEU C 28 26.91 -4.39 34.48
N LEU C 29 27.20 -3.16 34.87
CA LEU C 29 28.47 -2.55 34.51
C LEU C 29 29.61 -3.31 35.18
N GLY C 30 29.27 -4.10 36.19
CA GLY C 30 30.27 -4.88 36.90
C GLY C 30 30.69 -6.10 36.12
N ASN C 31 29.72 -6.91 35.73
CA ASN C 31 30.01 -8.12 34.98
C ASN C 31 30.76 -7.76 33.69
N LEU C 32 30.49 -6.58 33.14
CA LEU C 32 31.16 -6.13 31.94
C LEU C 32 32.65 -5.98 32.21
N LYS C 33 32.99 -5.28 33.28
CA LYS C 33 34.38 -5.07 33.65
C LYS C 33 35.04 -6.37 34.10
N GLN C 34 34.22 -7.30 34.59
CA GLN C 34 34.69 -8.60 35.04
C GLN C 34 34.99 -9.47 33.83
N GLU C 35 34.60 -8.99 32.65
CA GLU C 35 34.83 -9.72 31.41
C GLU C 35 35.89 -8.97 30.61
N ASP C 36 36.50 -7.98 31.25
CA ASP C 36 37.54 -7.17 30.61
C ASP C 36 36.95 -6.29 29.51
N VAL C 37 35.73 -5.80 29.76
CA VAL C 37 35.05 -4.93 28.81
C VAL C 37 34.89 -3.56 29.47
N ASN C 38 35.67 -2.58 29.02
CA ASN C 38 35.63 -1.25 29.61
C ASN C 38 34.93 -0.20 28.75
N SER C 39 34.39 -0.63 27.61
CA SER C 39 33.71 0.26 26.69
C SER C 39 32.52 -0.47 26.08
N LEU C 40 31.53 0.28 25.62
CA LEU C 40 30.35 -0.31 25.00
C LEU C 40 29.66 0.75 24.13
N THR C 41 29.70 0.55 22.82
CA THR C 41 29.07 1.49 21.88
C THR C 41 27.76 0.96 21.31
N ILE C 42 26.70 1.75 21.46
CA ILE C 42 25.38 1.37 20.96
C ILE C 42 24.99 2.32 19.82
N LEU C 43 24.49 1.73 18.74
CA LEU C 43 24.05 2.49 17.57
C LEU C 43 22.53 2.33 17.52
N VAL C 44 21.82 3.45 17.55
CA VAL C 44 20.36 3.45 17.54
C VAL C 44 19.86 3.91 16.16
N MSE C 45 19.15 3.03 15.48
CA MSE C 45 18.64 3.33 14.16
C MSE C 45 17.18 2.93 13.97
O MSE C 45 16.61 2.21 14.82
CB MSE C 45 19.53 2.65 13.11
CG MSE C 45 20.95 3.17 13.07
SE MSE C 45 22.06 2.31 11.76
CE MSE C 45 21.40 3.19 10.20
N GLY C 46 16.60 3.39 12.88
CA GLY C 46 15.21 3.09 12.57
C GLY C 46 14.58 4.22 11.77
N LYS C 47 13.25 4.23 11.67
CA LYS C 47 12.54 5.26 10.94
C LYS C 47 12.41 6.52 11.80
N GLY C 48 11.70 7.52 11.29
CA GLY C 48 11.52 8.75 12.04
C GLY C 48 10.31 8.77 12.98
N GLY C 49 10.47 9.35 14.16
CA GLY C 49 9.37 9.45 15.11
C GLY C 49 8.93 8.19 15.83
N VAL C 50 9.82 7.20 15.96
CA VAL C 50 9.47 5.94 16.65
C VAL C 50 9.97 5.97 18.10
N GLY C 51 10.76 7.00 18.42
CA GLY C 51 11.27 7.13 19.77
C GLY C 51 12.73 6.77 19.91
N LYS C 52 13.50 6.92 18.84
CA LYS C 52 14.93 6.61 18.96
C LYS C 52 15.59 7.52 19.99
N SER C 53 15.47 8.83 19.78
CA SER C 53 16.10 9.80 20.68
C SER C 53 15.60 9.69 22.11
N SER C 54 14.30 9.46 22.26
CA SER C 54 13.73 9.32 23.60
C SER C 54 14.37 8.13 24.30
N THR C 55 14.56 7.05 23.56
CA THR C 55 15.15 5.85 24.13
C THR C 55 16.58 6.14 24.60
N VAL C 56 17.31 6.91 23.79
CA VAL C 56 18.66 7.30 24.16
C VAL C 56 18.60 8.11 25.46
N ASN C 57 17.69 9.08 25.55
CA ASN C 57 17.58 9.90 26.75
C ASN C 57 17.20 9.10 27.97
N SER C 58 16.32 8.11 27.80
CA SER C 58 15.91 7.30 28.94
C SER C 58 17.06 6.38 29.40
N ILE C 59 17.96 6.02 28.50
CA ILE C 59 19.09 5.17 28.85
C ILE C 59 20.16 5.98 29.57
N ILE C 60 20.46 7.16 29.02
CA ILE C 60 21.46 8.03 29.62
C ILE C 60 20.93 8.59 30.92
N GLY C 61 19.62 8.71 31.03
CA GLY C 61 19.03 9.25 32.24
C GLY C 61 18.93 10.76 32.22
N GLU C 62 19.16 11.36 31.07
CA GLU C 62 19.08 12.82 30.91
C GLU C 62 18.74 13.20 29.47
N ARG C 63 18.09 14.34 29.28
CA ARG C 63 17.69 14.79 27.95
C ARG C 63 18.87 15.30 27.12
N VAL C 64 19.79 14.40 26.80
CA VAL C 64 20.97 14.74 26.02
C VAL C 64 20.73 14.89 24.52
N VAL C 65 19.67 14.29 24.00
CA VAL C 65 19.41 14.44 22.56
C VAL C 65 18.05 15.08 22.29
N SER C 66 17.91 15.65 21.10
CA SER C 66 16.68 16.32 20.71
C SER C 66 15.56 15.32 20.44
N ILE C 67 14.37 15.68 20.90
CA ILE C 67 13.17 14.86 20.72
C ILE C 67 12.09 15.80 20.23
N SER C 68 11.27 15.35 19.29
CA SER C 68 10.21 16.21 18.76
C SER C 68 8.86 15.52 18.59
N PRO C 69 7.78 16.20 18.99
CA PRO C 69 6.47 15.58 18.84
C PRO C 69 5.83 15.85 17.47
N PHE C 70 6.43 16.74 16.68
CA PHE C 70 5.86 17.06 15.37
C PHE C 70 6.88 17.27 14.27
N GLN C 71 7.96 17.98 14.60
CA GLN C 71 9.00 18.28 13.61
C GLN C 71 9.86 17.08 13.24
N SER C 72 10.43 17.15 12.05
CA SER C 72 11.29 16.10 11.53
C SER C 72 12.72 16.24 12.08
N GLU C 73 13.35 15.11 12.35
CA GLU C 73 14.70 15.06 12.91
C GLU C 73 15.74 15.82 12.10
N GLY C 74 16.80 16.24 12.80
CA GLY C 74 17.89 16.94 12.16
C GLY C 74 18.75 15.91 11.45
N PRO C 75 19.50 16.32 10.41
CA PRO C 75 20.34 15.39 9.65
C PRO C 75 21.63 14.93 10.32
N ARG C 76 21.99 15.57 11.43
CA ARG C 76 23.23 15.22 12.12
C ARG C 76 23.15 14.13 13.17
N PRO C 77 24.05 13.13 13.08
CA PRO C 77 24.07 12.05 14.07
C PRO C 77 24.83 12.56 15.29
N VAL C 78 24.54 12.01 16.47
CA VAL C 78 25.20 12.44 17.69
C VAL C 78 25.61 11.24 18.53
N MSE C 79 26.80 11.32 19.14
CA MSE C 79 27.24 10.24 20.00
C MSE C 79 27.35 10.78 21.41
O MSE C 79 28.06 11.75 21.66
CB MSE C 79 28.59 9.68 19.58
CG MSE C 79 29.11 8.65 20.55
SE MSE C 79 30.63 7.69 19.93
CE MSE C 79 31.94 9.10 20.20
N VAL C 80 26.62 10.18 22.34
CA VAL C 80 26.68 10.61 23.72
C VAL C 80 27.57 9.65 24.47
N SER C 81 28.60 10.19 25.12
CA SER C 81 29.52 9.36 25.88
C SER C 81 29.53 9.76 27.35
N ARG C 82 29.44 8.75 28.22
CA ARG C 82 29.45 8.96 29.65
C ARG C 82 30.35 7.88 30.31
N SER C 83 31.16 8.31 31.27
CA SER C 83 32.09 7.42 31.98
C SER C 83 31.60 7.06 33.37
N ARG C 84 32.10 5.93 33.86
CA ARG C 84 31.74 5.42 35.17
C ARG C 84 32.74 4.35 35.61
N ALA C 85 33.57 4.66 36.60
CA ALA C 85 34.54 3.71 37.10
C ALA C 85 35.40 3.08 36.00
N GLY C 86 35.91 3.90 35.09
CA GLY C 86 36.74 3.39 34.01
C GLY C 86 35.99 2.79 32.83
N PHE C 87 34.68 2.67 32.96
CA PHE C 87 33.83 2.13 31.90
C PHE C 87 33.28 3.28 31.07
N THR C 88 33.22 3.09 29.77
CA THR C 88 32.70 4.14 28.91
C THR C 88 31.53 3.62 28.07
N LEU C 89 30.40 4.30 28.19
CA LEU C 89 29.20 3.94 27.43
C LEU C 89 29.05 4.97 26.31
N ASN C 90 28.96 4.49 25.08
CA ASN C 90 28.79 5.39 23.95
C ASN C 90 27.48 5.07 23.25
N ILE C 91 26.62 6.08 23.08
CA ILE C 91 25.36 5.85 22.38
C ILE C 91 25.26 6.79 21.21
N ILE C 92 25.11 6.22 20.03
CA ILE C 92 25.00 7.00 18.81
C ILE C 92 23.55 7.11 18.39
N ASP C 93 23.04 8.34 18.42
CA ASP C 93 21.68 8.60 18.02
C ASP C 93 21.83 9.00 16.56
N THR C 94 20.85 8.64 15.74
CA THR C 94 20.89 8.96 14.32
C THR C 94 19.50 9.38 13.83
N PRO C 95 19.44 10.09 12.68
CA PRO C 95 18.16 10.54 12.13
C PRO C 95 17.40 9.35 11.55
N GLY C 96 16.08 9.46 11.45
CA GLY C 96 15.30 8.36 10.88
C GLY C 96 15.75 8.13 9.44
N LEU C 97 15.81 6.85 9.04
CA LEU C 97 16.26 6.47 7.70
C LEU C 97 15.29 6.63 6.53
N ILE C 98 14.00 6.57 6.84
CA ILE C 98 12.95 6.70 5.84
C ILE C 98 12.43 8.14 5.75
N GLU C 99 12.52 8.70 4.55
CA GLU C 99 12.08 10.06 4.26
C GLU C 99 10.99 9.90 3.21
N GLY C 100 9.74 10.08 3.64
CA GLY C 100 8.63 9.91 2.71
C GLY C 100 8.47 8.43 2.45
N GLY C 101 8.70 8.02 1.21
CA GLY C 101 8.58 6.60 0.89
C GLY C 101 9.90 5.98 0.49
N TYR C 102 10.98 6.75 0.59
CA TYR C 102 12.28 6.24 0.21
C TYR C 102 13.30 6.42 1.33
N ILE C 103 14.42 5.73 1.20
CA ILE C 103 15.51 5.83 2.18
C ILE C 103 16.16 7.20 1.96
N ASN C 104 16.45 7.91 3.04
CA ASN C 104 17.10 9.20 2.95
C ASN C 104 18.58 8.91 2.72
N ASP C 105 18.93 8.74 1.45
CA ASP C 105 20.29 8.40 1.03
C ASP C 105 21.40 9.22 1.68
N MSE C 106 21.25 10.53 1.73
CA MSE C 106 22.28 11.37 2.33
C MSE C 106 22.40 11.04 3.81
O MSE C 106 23.51 10.91 4.33
CB MSE C 106 21.96 12.83 2.13
CG MSE C 106 22.98 13.78 2.75
SE MSE C 106 22.97 15.47 1.83
CE MSE C 106 24.07 14.93 0.34
N ALA C 107 21.26 10.94 4.48
CA ALA C 107 21.25 10.64 5.90
C ALA C 107 22.05 9.36 6.17
N LEU C 108 21.74 8.31 5.41
CA LEU C 108 22.43 7.03 5.58
C LEU C 108 23.93 7.17 5.41
N ASN C 109 24.34 7.90 4.38
CA ASN C 109 25.76 8.09 4.12
C ASN C 109 26.46 8.89 5.21
N ILE C 110 25.75 9.87 5.76
CA ILE C 110 26.34 10.69 6.83
C ILE C 110 26.54 9.80 8.07
N ILE C 111 25.60 8.88 8.27
CA ILE C 111 25.66 7.95 9.39
C ILE C 111 26.88 7.04 9.22
N LYS C 112 27.07 6.56 8.00
CA LYS C 112 28.20 5.68 7.70
C LYS C 112 29.51 6.41 7.95
N SER C 113 29.57 7.67 7.54
CA SER C 113 30.76 8.50 7.71
C SER C 113 31.05 8.78 9.20
N PHE C 114 29.99 8.93 9.99
CA PHE C 114 30.16 9.19 11.40
C PHE C 114 30.73 7.96 12.12
N LEU C 115 30.27 6.78 11.73
CA LEU C 115 30.73 5.52 12.32
C LEU C 115 32.17 5.14 11.94
N LEU C 116 32.71 5.82 10.95
CA LEU C 116 34.06 5.53 10.51
C LEU C 116 35.05 5.49 11.67
N ASP C 117 35.75 4.37 11.78
CA ASP C 117 36.74 4.14 12.84
C ASP C 117 36.12 3.85 14.20
N LYS C 118 34.83 3.52 14.21
CA LYS C 118 34.14 3.20 15.44
C LYS C 118 33.74 1.74 15.40
N THR C 119 33.34 1.21 16.55
CA THR C 119 32.95 -0.19 16.65
C THR C 119 31.51 -0.28 17.16
N ILE C 120 30.70 -1.09 16.50
CA ILE C 120 29.31 -1.26 16.89
C ILE C 120 29.21 -2.54 17.71
N ASP C 121 28.97 -2.39 19.01
CA ASP C 121 28.87 -3.54 19.91
C ASP C 121 27.43 -4.02 20.00
N VAL C 122 26.52 -3.08 19.80
CA VAL C 122 25.09 -3.36 19.85
C VAL C 122 24.35 -2.43 18.91
N LEU C 123 23.43 -3.00 18.14
CA LEU C 123 22.60 -2.23 17.23
C LEU C 123 21.22 -2.24 17.83
N LEU C 124 20.68 -1.05 18.09
CA LEU C 124 19.35 -0.94 18.65
C LEU C 124 18.41 -0.51 17.51
N TYR C 125 17.59 -1.43 17.04
CA TYR C 125 16.63 -1.18 15.96
C TYR C 125 15.32 -0.81 16.66
N VAL C 126 14.96 0.47 16.60
CA VAL C 126 13.76 0.97 17.27
C VAL C 126 12.54 1.19 16.38
N ASP C 127 11.38 0.74 16.87
CA ASP C 127 10.10 0.90 16.19
C ASP C 127 9.07 1.07 17.30
N ARG C 128 7.81 1.27 16.90
CA ARG C 128 6.71 1.45 17.82
C ARG C 128 5.89 0.17 17.97
N LEU C 129 5.48 -0.15 19.19
CA LEU C 129 4.67 -1.34 19.44
C LEU C 129 3.24 -1.04 18.99
N ASP C 130 2.83 0.22 19.19
CA ASP C 130 1.48 0.65 18.86
C ASP C 130 1.26 1.02 17.39
N ALA C 131 1.61 0.10 16.50
CA ALA C 131 1.43 0.30 15.06
C ALA C 131 0.78 -0.98 14.56
N TYR C 132 0.19 -0.95 13.37
CA TYR C 132 -0.51 -2.12 12.87
C TYR C 132 -0.08 -2.58 11.48
N ARG C 133 1.12 -2.16 11.07
CA ARG C 133 1.61 -2.52 9.76
C ARG C 133 3.10 -2.78 9.79
N VAL C 134 3.53 -3.61 8.85
CA VAL C 134 4.91 -3.97 8.63
C VAL C 134 4.97 -4.03 7.10
N ASP C 135 5.49 -2.97 6.48
CA ASP C 135 5.55 -2.89 5.01
C ASP C 135 6.97 -2.76 4.43
N ASN C 136 7.03 -2.41 3.14
CA ASN C 136 8.31 -2.28 2.42
C ASN C 136 9.24 -1.22 3.01
N LEU C 137 8.66 -0.25 3.73
CA LEU C 137 9.46 0.80 4.35
C LEU C 137 10.33 0.19 5.42
N ASP C 138 9.78 -0.75 6.16
CA ASP C 138 10.52 -1.42 7.21
C ASP C 138 11.62 -2.28 6.61
N LYS C 139 11.30 -2.93 5.49
CA LYS C 139 12.26 -3.77 4.81
C LYS C 139 13.42 -2.92 4.31
N LEU C 140 13.11 -1.74 3.79
CA LEU C 140 14.16 -0.86 3.28
C LEU C 140 15.16 -0.49 4.37
N VAL C 141 14.67 -0.24 5.59
CA VAL C 141 15.56 0.13 6.69
C VAL C 141 16.54 -0.99 7.01
N ALA C 142 15.99 -2.19 7.21
CA ALA C 142 16.81 -3.38 7.51
C ALA C 142 17.79 -3.64 6.38
N LYS C 143 17.32 -3.48 5.15
CA LYS C 143 18.17 -3.70 3.99
C LYS C 143 19.27 -2.65 3.97
N ALA C 144 18.88 -1.40 4.20
CA ALA C 144 19.83 -0.28 4.20
C ALA C 144 20.93 -0.48 5.25
N ILE C 145 20.54 -1.03 6.41
CA ILE C 145 21.48 -1.28 7.47
C ILE C 145 22.44 -2.42 7.11
N THR C 146 21.90 -3.48 6.50
CA THR C 146 22.75 -4.60 6.13
C THR C 146 23.75 -4.17 5.06
N ASP C 147 23.26 -3.40 4.08
CA ASP C 147 24.11 -2.92 2.99
C ASP C 147 25.23 -2.01 3.50
N SER C 148 25.01 -1.36 4.65
CA SER C 148 26.01 -0.45 5.17
C SER C 148 27.04 -1.06 6.11
N PHE C 149 26.62 -2.00 6.94
CA PHE C 149 27.54 -2.59 7.91
C PHE C 149 27.69 -4.11 7.83
N GLY C 150 26.94 -4.74 6.93
CA GLY C 150 27.03 -6.17 6.78
C GLY C 150 26.01 -6.94 7.59
N LYS C 151 25.77 -8.18 7.17
CA LYS C 151 24.82 -9.05 7.87
C LYS C 151 25.27 -9.34 9.28
N GLY C 152 26.57 -9.28 9.52
CA GLY C 152 27.09 -9.56 10.85
C GLY C 152 26.55 -8.65 11.93
N ILE C 153 26.03 -7.49 11.54
CA ILE C 153 25.53 -6.53 12.51
C ILE C 153 24.27 -7.05 13.21
N TRP C 154 23.51 -7.91 12.56
CA TRP C 154 22.31 -8.41 13.19
C TRP C 154 22.56 -9.35 14.36
N ASN C 155 23.77 -9.87 14.47
CA ASN C 155 24.08 -10.76 15.60
C ASN C 155 24.23 -9.90 16.86
N LYS C 156 24.35 -8.59 16.68
CA LYS C 156 24.52 -7.66 17.78
C LYS C 156 23.34 -6.70 17.89
N ALA C 157 22.27 -7.06 17.18
CA ALA C 157 21.05 -6.27 17.14
C ALA C 157 20.00 -6.67 18.15
N ILE C 158 19.22 -5.69 18.55
CA ILE C 158 18.12 -5.86 19.48
C ILE C 158 16.97 -5.02 18.92
N VAL C 159 15.80 -5.62 18.77
CA VAL C 159 14.64 -4.87 18.29
C VAL C 159 13.96 -4.34 19.53
N ALA C 160 13.73 -3.03 19.56
CA ALA C 160 13.09 -2.37 20.68
C ALA C 160 11.80 -1.71 20.24
N LEU C 161 10.68 -2.07 20.88
CA LEU C 161 9.39 -1.49 20.53
C LEU C 161 8.97 -0.47 21.60
N THR C 162 8.76 0.79 21.20
CA THR C 162 8.37 1.85 22.13
C THR C 162 6.86 1.94 22.33
N HIS C 163 6.42 2.82 23.23
CA HIS C 163 5.00 2.99 23.54
C HIS C 163 4.45 1.69 24.14
N ALA C 164 5.33 0.95 24.79
CA ALA C 164 4.97 -0.33 25.39
C ALA C 164 3.74 -0.31 26.29
N GLN C 165 3.45 0.81 26.95
CA GLN C 165 2.26 0.87 27.80
C GLN C 165 1.06 1.10 26.89
N PHE C 166 0.76 0.11 26.06
CA PHE C 166 -0.32 0.18 25.10
C PHE C 166 -1.34 -0.95 25.36
N SER C 167 -2.62 -0.57 25.41
CA SER C 167 -3.68 -1.57 25.63
C SER C 167 -4.19 -1.97 24.26
N PRO C 168 -3.85 -3.19 23.80
CA PRO C 168 -4.26 -3.72 22.49
C PRO C 168 -5.77 -3.59 22.26
N PRO C 169 -6.15 -3.25 21.02
CA PRO C 169 -7.53 -3.07 20.55
C PRO C 169 -8.36 -4.35 20.50
N ASP C 170 -9.62 -4.17 20.09
CA ASP C 170 -10.57 -5.27 19.93
C ASP C 170 -10.41 -6.41 20.95
N GLY C 171 -10.21 -6.05 22.21
CA GLY C 171 -10.06 -7.06 23.24
C GLY C 171 -8.91 -8.03 23.01
N LEU C 172 -7.96 -7.66 22.17
CA LEU C 172 -6.81 -8.51 21.90
C LEU C 172 -5.88 -8.51 23.12
N PRO C 173 -5.47 -9.69 23.61
CA PRO C 173 -4.59 -9.74 24.78
C PRO C 173 -3.29 -9.02 24.48
N TYR C 174 -2.62 -8.52 25.51
CA TYR C 174 -1.37 -7.80 25.31
C TYR C 174 -0.27 -8.68 24.72
N ASP C 175 -0.11 -9.90 25.26
CA ASP C 175 0.91 -10.82 24.76
C ASP C 175 0.66 -11.22 23.31
N GLU C 176 -0.61 -11.42 22.96
CA GLU C 176 -0.94 -11.83 21.58
C GLU C 176 -0.56 -10.73 20.58
N PHE C 177 -0.87 -9.48 20.93
CA PHE C 177 -0.54 -8.35 20.06
C PHE C 177 0.97 -8.26 19.91
N PHE C 178 1.67 -8.27 21.04
CA PHE C 178 3.14 -8.20 21.06
C PHE C 178 3.70 -9.29 20.18
N SER C 179 3.28 -10.52 20.45
CA SER C 179 3.75 -11.67 19.69
C SER C 179 3.54 -11.51 18.19
N LYS C 180 2.35 -11.11 17.77
CA LYS C 180 2.09 -10.96 16.34
C LYS C 180 2.91 -9.85 15.68
N ARG C 181 2.92 -8.68 16.30
CA ARG C 181 3.65 -7.55 15.74
C ARG C 181 5.17 -7.77 15.73
N SER C 182 5.73 -8.30 16.81
CA SER C 182 7.18 -8.53 16.84
C SER C 182 7.58 -9.58 15.81
N GLU C 183 6.80 -10.66 15.71
CA GLU C 183 7.09 -11.71 14.75
C GLU C 183 6.97 -11.16 13.33
N ALA C 184 5.98 -10.29 13.12
CA ALA C 184 5.80 -9.70 11.80
C ALA C 184 7.03 -8.85 11.49
N LEU C 185 7.39 -7.98 12.42
CA LEU C 185 8.55 -7.12 12.20
C LEU C 185 9.82 -7.94 11.97
N LEU C 186 10.11 -8.89 12.87
CA LEU C 186 11.31 -9.72 12.71
C LEU C 186 11.38 -10.35 11.33
N GLN C 187 10.24 -10.83 10.83
CA GLN C 187 10.20 -11.46 9.51
C GLN C 187 10.62 -10.50 8.40
N VAL C 188 10.12 -9.27 8.47
CA VAL C 188 10.46 -8.31 7.43
C VAL C 188 11.92 -7.88 7.59
N VAL C 189 12.39 -7.83 8.84
CA VAL C 189 13.78 -7.47 9.08
C VAL C 189 14.67 -8.52 8.44
N ARG C 190 14.42 -9.78 8.78
CA ARG C 190 15.21 -10.89 8.25
C ARG C 190 15.20 -10.91 6.73
N SER C 191 14.05 -10.58 6.16
CA SER C 191 13.88 -10.55 4.71
C SER C 191 14.77 -9.47 4.09
N GLY C 192 14.64 -8.25 4.59
CA GLY C 192 15.44 -7.15 4.08
C GLY C 192 16.92 -7.35 4.27
N ALA C 193 17.31 -8.10 5.30
CA ALA C 193 18.72 -8.36 5.60
C ALA C 193 19.21 -9.62 4.91
N SER C 194 18.32 -10.28 4.19
CA SER C 194 18.65 -11.51 3.49
C SER C 194 19.20 -12.57 4.45
N LEU C 195 18.55 -12.68 5.61
CA LEU C 195 18.97 -13.65 6.62
C LEU C 195 18.11 -14.91 6.55
N LYS C 196 18.70 -16.05 6.91
CA LYS C 196 18.01 -17.33 6.90
C LYS C 196 17.08 -17.44 8.10
N LYS C 197 15.83 -17.78 7.84
CA LYS C 197 14.83 -17.90 8.89
C LYS C 197 15.26 -18.82 10.03
N ASP C 198 16.29 -19.63 9.79
CA ASP C 198 16.78 -20.56 10.81
C ASP C 198 18.12 -20.14 11.39
N ALA C 199 18.80 -19.21 10.73
CA ALA C 199 20.10 -18.73 11.20
C ALA C 199 20.02 -18.09 12.58
N GLN C 200 21.10 -18.18 13.34
CA GLN C 200 21.16 -17.61 14.69
C GLN C 200 21.03 -16.10 14.57
N ALA C 201 21.59 -15.57 13.49
CA ALA C 201 21.56 -14.14 13.24
C ALA C 201 20.13 -13.62 13.14
N SER C 202 19.21 -14.50 12.73
CA SER C 202 17.79 -14.14 12.58
C SER C 202 17.02 -14.14 13.90
N ASP C 203 17.56 -14.83 14.90
CA ASP C 203 16.93 -14.90 16.22
C ASP C 203 17.28 -13.62 16.98
N ILE C 204 16.73 -12.51 16.51
CA ILE C 204 16.98 -11.22 17.13
C ILE C 204 16.09 -10.99 18.35
N PRO C 205 16.68 -10.57 19.48
CA PRO C 205 15.84 -10.34 20.66
C PRO C 205 14.98 -9.09 20.54
N VAL C 206 13.80 -9.14 21.13
CA VAL C 206 12.88 -8.02 21.10
C VAL C 206 12.64 -7.51 22.50
N VAL C 207 12.68 -6.20 22.70
CA VAL C 207 12.43 -5.65 24.01
C VAL C 207 11.34 -4.59 23.94
N LEU C 208 10.70 -4.33 25.07
CA LEU C 208 9.64 -3.34 25.16
C LEU C 208 10.15 -2.11 25.88
N ILE C 209 9.76 -0.95 25.38
CA ILE C 209 10.21 0.31 25.97
C ILE C 209 9.05 1.29 26.16
N GLU C 210 9.04 1.99 27.30
CA GLU C 210 8.02 3.00 27.56
C GLU C 210 8.75 4.23 28.04
N ASN C 211 9.02 5.14 27.12
CA ASN C 211 9.74 6.35 27.49
C ASN C 211 8.88 7.36 28.25
N SER C 212 7.56 7.26 28.12
CA SER C 212 6.69 8.22 28.81
C SER C 212 7.00 8.39 30.28
N GLY C 213 6.89 9.63 30.75
CA GLY C 213 7.13 9.92 32.15
C GLY C 213 5.95 9.44 32.96
N ARG C 214 4.81 9.24 32.29
CA ARG C 214 3.60 8.77 32.96
C ARG C 214 3.54 7.24 33.02
N CYS C 215 4.63 6.58 32.65
CA CYS C 215 4.68 5.12 32.69
C CYS C 215 4.31 4.67 34.09
N ASN C 216 3.66 3.53 34.21
CA ASN C 216 3.29 3.00 35.50
C ASN C 216 4.57 2.55 36.19
N LYS C 217 4.59 2.64 37.52
CA LYS C 217 5.77 2.23 38.28
C LYS C 217 5.38 1.18 39.31
N ASN C 218 6.34 0.34 39.68
CA ASN C 218 6.12 -0.69 40.68
C ASN C 218 6.39 -0.14 42.07
N ASP C 219 6.45 -1.02 43.06
CA ASP C 219 6.69 -0.60 44.45
C ASP C 219 8.08 -0.01 44.63
N SER C 220 8.97 -0.35 43.70
CA SER C 220 10.35 0.12 43.75
C SER C 220 10.49 1.44 42.98
N ASP C 221 9.36 1.90 42.45
CA ASP C 221 9.28 3.15 41.69
C ASP C 221 10.00 3.05 40.34
N GLU C 222 10.19 1.81 39.88
CA GLU C 222 10.84 1.57 38.60
C GLU C 222 9.76 1.58 37.52
N LYS C 223 10.13 2.06 36.33
CA LYS C 223 9.18 2.10 35.22
C LYS C 223 8.87 0.65 34.86
N VAL C 224 7.59 0.30 34.92
CA VAL C 224 7.18 -1.07 34.66
C VAL C 224 6.26 -1.17 33.44
N LEU C 225 6.28 -2.34 32.80
CA LEU C 225 5.46 -2.60 31.62
C LEU C 225 4.17 -3.30 32.06
N PRO C 226 3.17 -3.37 31.18
CA PRO C 226 1.89 -4.02 31.48
C PRO C 226 2.06 -5.48 31.90
N ASN C 227 3.31 -5.96 31.89
CA ASN C 227 3.63 -7.33 32.27
C ASN C 227 4.37 -7.37 33.60
N GLY C 228 4.48 -6.21 34.25
CA GLY C 228 5.14 -6.13 35.53
C GLY C 228 6.67 -6.10 35.53
N ILE C 229 7.26 -5.90 34.37
CA ILE C 229 8.72 -5.87 34.29
C ILE C 229 9.28 -4.45 34.12
N ALA C 230 10.33 -4.13 34.86
CA ALA C 230 10.95 -2.82 34.76
C ALA C 230 11.77 -2.88 33.47
N TRP C 231 11.27 -2.23 32.44
CA TRP C 231 11.92 -2.26 31.14
C TRP C 231 13.32 -1.69 31.02
N ILE C 232 13.64 -0.69 31.83
CA ILE C 232 14.96 -0.06 31.76
C ILE C 232 16.08 -1.03 32.11
N PRO C 233 15.97 -1.69 33.28
CA PRO C 233 17.03 -2.64 33.65
C PRO C 233 17.06 -3.87 32.76
N HIS C 234 15.91 -4.17 32.16
CA HIS C 234 15.78 -5.32 31.27
C HIS C 234 16.48 -4.99 29.96
N LEU C 235 16.26 -3.76 29.48
CA LEU C 235 16.89 -3.29 28.25
C LEU C 235 18.40 -3.35 28.41
N VAL C 236 18.91 -2.66 29.42
CA VAL C 236 20.36 -2.62 29.62
C VAL C 236 20.92 -4.02 29.78
N GLN C 237 20.18 -4.88 30.48
CA GLN C 237 20.63 -6.24 30.68
C GLN C 237 20.79 -6.97 29.34
N THR C 238 19.77 -6.87 28.48
CA THR C 238 19.79 -7.50 27.17
C THR C 238 20.94 -6.89 26.34
N ILE C 239 21.16 -5.59 26.52
CA ILE C 239 22.22 -4.88 25.82
C ILE C 239 23.58 -5.50 26.15
N THR C 240 23.88 -5.65 27.43
CA THR C 240 25.16 -6.22 27.85
C THR C 240 25.30 -7.68 27.45
N GLU C 241 24.18 -8.41 27.46
CA GLU C 241 24.20 -9.83 27.08
C GLU C 241 24.51 -9.98 25.60
N VAL C 242 23.94 -9.10 24.79
CA VAL C 242 24.17 -9.14 23.36
C VAL C 242 25.61 -8.72 23.10
N ALA C 243 26.06 -7.65 23.74
CA ALA C 243 27.43 -7.19 23.55
C ALA C 243 28.43 -8.28 23.96
N LEU C 244 28.02 -9.16 24.86
CA LEU C 244 28.89 -10.24 25.33
C LEU C 244 28.65 -11.57 24.65
N ASN C 245 27.68 -11.65 23.73
CA ASN C 245 27.42 -12.91 23.04
C ASN C 245 28.65 -13.29 22.22
N LYS C 246 28.64 -14.51 21.68
CA LYS C 246 29.77 -15.03 20.92
C LYS C 246 30.15 -14.34 19.61
N SER C 247 29.22 -13.61 19.00
CA SER C 247 29.51 -12.95 17.73
C SER C 247 30.51 -11.80 17.92
N GLU C 248 31.13 -11.38 16.82
CA GLU C 248 32.10 -10.28 16.86
C GLU C 248 31.42 -8.91 16.68
N SER C 249 31.96 -7.88 17.32
CA SER C 249 31.40 -6.54 17.16
C SER C 249 31.79 -6.06 15.77
N ILE C 250 31.15 -4.99 15.29
CA ILE C 250 31.46 -4.49 13.95
C ILE C 250 32.40 -3.30 13.98
N PHE C 251 33.61 -3.49 13.45
CA PHE C 251 34.56 -2.40 13.39
C PHE C 251 34.38 -1.73 12.04
N VAL C 252 33.92 -0.48 12.05
CA VAL C 252 33.67 0.25 10.81
C VAL C 252 34.88 1.05 10.35
N ASP C 253 35.76 0.40 9.58
CA ASP C 253 36.95 1.06 9.08
C ASP C 253 36.83 1.21 7.57
N LYS C 254 37.84 1.84 6.96
CA LYS C 254 37.83 2.05 5.52
C LYS C 254 37.68 0.72 4.77
N ASN C 255 38.39 -0.30 5.25
CA ASN C 255 38.33 -1.62 4.62
C ASN C 255 36.91 -2.14 4.52
N LEU C 256 36.20 -2.17 5.65
CA LEU C 256 34.82 -2.67 5.69
C LEU C 256 33.92 -1.90 4.73
N ILE C 257 33.75 -0.61 5.00
CA ILE C 257 32.89 0.25 4.21
C ILE C 257 33.13 0.12 2.70
N ASP C 258 34.40 0.17 2.29
CA ASP C 258 34.72 0.04 0.87
C ASP C 258 34.32 -1.33 0.35
N LYS C 259 34.73 -2.38 1.05
CA LYS C 259 34.41 -3.74 0.65
C LYS C 259 32.89 -3.89 0.46
N LEU C 260 32.12 -3.40 1.44
CA LEU C 260 30.68 -3.48 1.38
C LEU C 260 30.11 -2.64 0.24
N ALA C 261 30.72 -1.50 -0.02
CA ALA C 261 30.25 -0.63 -1.11
C ALA C 261 30.45 -1.35 -2.44
N ALA C 262 31.50 -2.17 -2.54
CA ALA C 262 31.79 -2.91 -3.76
C ALA C 262 30.74 -3.99 -4.01
N ALA C 263 30.31 -4.65 -2.94
CA ALA C 263 29.31 -5.69 -3.04
C ALA C 263 28.00 -5.14 -3.58
PB GDP D . -14.08 -5.24 -28.06
O1B GDP D . -12.72 -4.83 -28.31
O2B GDP D . -15.01 -4.28 -27.47
O3B GDP D . -14.08 -6.49 -27.14
O3A GDP D . -14.77 -5.84 -29.33
PA GDP D . -15.90 -7.00 -29.45
O1A GDP D . -17.03 -6.66 -28.53
O2A GDP D . -15.28 -8.33 -29.31
O5' GDP D . -16.32 -6.80 -30.82
C5' GDP D . -16.85 -5.56 -31.27
C4' GDP D . -17.68 -5.75 -32.50
O4' GDP D . -16.86 -6.21 -33.59
C3' GDP D . -18.79 -6.79 -32.39
O3' GDP D . -19.94 -6.40 -33.05
C2' GDP D . -18.20 -8.01 -33.02
O2' GDP D . -19.27 -8.74 -33.61
C1' GDP D . -17.38 -7.40 -34.13
N9 GDP D . -16.24 -8.26 -34.50
C8 GDP D . -15.16 -8.50 -33.71
N7 GDP D . -14.22 -9.15 -34.31
C5 GDP D . -14.62 -9.19 -35.63
C6 GDP D . -14.00 -9.70 -36.61
O6 GDP D . -12.95 -10.31 -36.57
N1 GDP D . -14.64 -9.52 -37.82
C2 GDP D . -15.86 -8.98 -37.96
N2 GDP D . -16.33 -8.98 -39.21
N3 GDP D . -16.56 -8.51 -36.94
C4 GDP D . -15.88 -8.71 -35.78
MG MG E . -14.88 -6.33 -25.15
PB GDP F . -8.05 1.54 9.11
O1B GDP F . -7.83 2.89 8.65
O2B GDP F . -7.16 0.48 8.61
O3B GDP F . -9.50 1.09 8.77
O3A GDP F . -8.08 1.42 10.66
PA GDP F . -9.07 0.56 11.63
O1A GDP F . -9.19 -0.82 11.07
O2A GDP F . -10.33 1.32 11.86
O5' GDP F . -8.28 0.54 12.83
C5' GDP F . -6.92 0.11 12.83
C4' GDP F . -6.51 -0.33 14.21
O4' GDP F . -6.54 0.77 15.12
C3' GDP F . -7.40 -1.39 14.84
O3' GDP F . -6.65 -2.33 15.55
C2' GDP F . -8.31 -0.62 15.75
O2' GDP F . -8.61 -1.46 16.85
C1' GDP F . -7.35 0.46 16.23
N9 GDP F . -8.08 1.68 16.62
C8 GDP F . -8.74 2.51 15.75
N7 GDP F . -9.15 3.60 16.30
C5 GDP F . -8.61 3.58 17.56
C6 GDP F . -8.72 4.47 18.47
O6 GDP F . -9.39 5.48 18.41
N1 GDP F . -7.99 4.19 19.61
C2 GDP F . -7.33 3.04 19.83
N2 GDP F . -6.78 2.93 21.02
N3 GDP F . -7.27 2.07 18.93
C4 GDP F . -7.99 2.40 17.83
MG MG G . -10.31 -0.05 7.04
PB GDP H . 12.49 9.60 16.67
O1B GDP H . 12.58 8.21 16.34
O2B GDP H . 12.18 10.56 15.60
O3B GDP H . 13.82 10.08 17.32
O3A GDP H . 11.49 9.88 17.83
PA GDP H . 11.61 10.91 19.08
O1A GDP H . 11.87 12.28 18.55
O2A GDP H . 12.56 10.39 20.09
O5' GDP H . 10.26 10.84 19.59
C5' GDP H . 9.14 11.24 18.81
C4' GDP H . 7.98 11.58 19.69
O4' GDP H . 7.41 10.40 20.25
C3' GDP H . 8.30 12.47 20.88
O3' GDP H . 7.31 13.40 21.13
C2' GDP H . 8.43 11.51 22.03
O2' GDP H . 8.00 12.20 23.20
C1' GDP H . 7.35 10.50 21.66
N9 GDP H . 7.66 9.18 22.23
C8 GDP H . 8.75 8.41 21.90
N7 GDP H . 8.81 7.30 22.53
C5 GDP H . 7.61 7.21 23.19
C6 GDP H . 7.18 6.26 23.92
O6 GDP H . 7.80 5.27 24.23
N1 GDP H . 5.89 6.45 24.37
C2 GDP H . 5.18 7.56 24.20
N2 GDP H . 3.99 7.57 24.80
N3 GDP H . 5.62 8.60 23.51
C4 GDP H . 6.88 8.36 23.07
MG MG I . 15.51 11.20 16.86
#